data_7CU0
#
_entry.id   7CU0
#
_cell.length_a   54.879
_cell.length_b   118.311
_cell.length_c   87.006
_cell.angle_alpha   90.000
_cell.angle_beta   104.360
_cell.angle_gamma   90.000
#
_symmetry.space_group_name_H-M   'P 1 21 1'
#
loop_
_entity.id
_entity.type
_entity.pdbx_description
1 polymer 'Tryptophan 6-halogenase'
2 non-polymer TRYPTOPHAN
3 water water
#
_entity_poly.entity_id   1
_entity_poly.type   'polypeptide(L)'
_entity_poly.pdbx_seq_one_letter_code
;MGSSHHHHHHSSGLVPRGSHMDNRIKTVVILGGGTAGWMTAAYLGKALQNTVKIVVLEAPTIPRIGVGEATVPNLQRAFF
DYLGIPEEEWMRECNASYKMAVKFINWRTPGEGSPDPRTLDDGHTDTFHHPFGLLPSADQIPLSHYWAAKRLQGETDENF
DEACFADTAIMNAKKAPRFLDMRRATNYAWHFDASKVAAFLRNFAVTKQAVEHVEDEMTEVLTDERGFITALRTKSGRIL
QGDLFVDCSGFRGLLINKAMEEPFIDMSDHLLCNSAVATAVPHDDEKNGVEPYTSSIAMEAGWTWKIPMLGRFGSGHVYS
DHFATQDEATLAFSKLWGLDPDNTEFNHVRFRVGRNRRAWVRNCVSVGLASCFVEPLESSGIYFIYAAIHMLAKHFPDKT
FDKVLVDRFNREIEEMFDDTRDFLQAHYYFSPRVDTPFWRANKELKLADSIKDKVETYRAGLPVNLPVTDEGTYYGNFEA
EFRNFWTNGSYYCIFAGLGLMPRNPLPALAYKPQSIAEAELLFADVKRKGDTLVESLPSTYDLLRQLHGAS
;
_entity_poly.pdbx_strand_id   A,B
#
# COMPACT_ATOMS: atom_id res chain seq x y z
N MET A 21 31.98 17.33 14.74
CA MET A 21 30.92 16.34 15.16
C MET A 21 29.49 16.90 14.92
N ASP A 22 29.33 18.11 14.37
CA ASP A 22 27.99 18.65 14.03
C ASP A 22 27.87 18.85 12.52
N ASN A 23 27.15 17.93 11.88
CA ASN A 23 27.13 17.85 10.46
C ASN A 23 25.76 18.29 9.95
N ARG A 24 24.96 18.94 10.79
CA ARG A 24 23.62 19.50 10.42
C ARG A 24 23.71 20.49 9.25
N ILE A 25 22.76 20.39 8.36
CA ILE A 25 22.55 21.45 7.42
C ILE A 25 22.18 22.72 8.16
N LYS A 26 22.79 23.86 7.82
CA LYS A 26 22.46 25.11 8.54
C LYS A 26 21.72 26.12 7.65
N THR A 27 21.97 26.08 6.35
CA THR A 27 21.37 27.02 5.40
C THR A 27 20.84 26.24 4.18
N VAL A 28 19.59 26.54 3.84
CA VAL A 28 18.94 26.05 2.65
C VAL A 28 18.76 27.25 1.73
N VAL A 29 19.25 27.14 0.52
CA VAL A 29 19.02 28.18 -0.50
C VAL A 29 18.12 27.58 -1.59
N ILE A 30 17.02 28.27 -1.89
CA ILE A 30 16.04 27.91 -2.89
C ILE A 30 16.19 28.88 -4.05
N LEU A 31 16.54 28.33 -5.21
CA LEU A 31 16.56 29.13 -6.43
C LEU A 31 15.18 29.11 -7.11
N GLY A 32 14.54 30.25 -7.12
CA GLY A 32 13.29 30.43 -7.82
C GLY A 32 12.16 30.63 -6.85
N GLY A 33 11.18 31.41 -7.26
CA GLY A 33 9.97 31.57 -6.47
C GLY A 33 8.81 30.80 -7.07
N GLY A 34 7.74 31.51 -7.37
CA GLY A 34 6.51 30.87 -7.83
C GLY A 34 5.96 29.88 -6.82
N THR A 35 5.09 28.99 -7.29
CA THR A 35 4.49 28.02 -6.39
C THR A 35 5.59 27.07 -5.87
N ALA A 36 6.46 26.61 -6.76
CA ALA A 36 7.45 25.63 -6.35
C ALA A 36 8.34 26.22 -5.26
N GLY A 37 8.91 27.41 -5.47
CA GLY A 37 9.84 28.02 -4.53
C GLY A 37 9.20 28.33 -3.19
N TRP A 38 7.99 28.89 -3.20
CA TRP A 38 7.37 29.39 -1.98
C TRP A 38 6.69 28.25 -1.21
N MET A 39 6.13 27.24 -1.87
CA MET A 39 5.66 26.05 -1.16
C MET A 39 6.87 25.37 -0.48
N THR A 40 7.92 25.15 -1.23
CA THR A 40 9.16 24.56 -0.64
C THR A 40 9.58 25.39 0.57
N ALA A 41 9.59 26.71 0.44
CA ALA A 41 10.15 27.51 1.54
C ALA A 41 9.22 27.47 2.77
N ALA A 42 7.91 27.57 2.55
CA ALA A 42 6.93 27.55 3.68
C ALA A 42 6.94 26.17 4.32
N TYR A 43 6.99 25.11 3.50
CA TYR A 43 6.94 23.78 4.03
C TYR A 43 8.20 23.49 4.88
N LEU A 44 9.41 23.75 4.39
CA LEU A 44 10.59 23.48 5.17
C LEU A 44 10.68 24.43 6.36
N GLY A 45 10.06 25.61 6.23
CA GLY A 45 9.88 26.54 7.33
C GLY A 45 9.24 25.88 8.55
N LYS A 46 8.30 25.00 8.31
CA LYS A 46 7.57 24.32 9.37
C LYS A 46 8.33 23.05 9.76
N ALA A 47 8.76 22.32 8.73
CA ALA A 47 9.30 20.98 8.91
C ALA A 47 10.63 21.03 9.67
N LEU A 48 11.43 22.06 9.44
CA LEU A 48 12.76 22.15 10.12
C LEU A 48 12.71 23.02 11.40
N GLN A 49 11.50 23.43 11.82
CA GLN A 49 11.23 24.00 13.17
C GLN A 49 12.21 25.12 13.53
N ASN A 50 12.46 25.97 12.55
CA ASN A 50 13.32 27.15 12.72
C ASN A 50 14.75 26.78 13.13
N THR A 51 15.26 25.61 12.71
CA THR A 51 16.64 25.20 13.06
C THR A 51 17.62 25.42 11.89
N VAL A 52 17.06 25.91 10.78
CA VAL A 52 17.83 26.13 9.59
C VAL A 52 17.47 27.50 9.06
N LYS A 53 18.42 28.19 8.45
CA LYS A 53 18.14 29.42 7.71
C LYS A 53 17.62 29.11 6.30
N ILE A 54 16.56 29.80 5.88
CA ILE A 54 16.01 29.50 4.55
C ILE A 54 16.12 30.75 3.68
N VAL A 55 16.73 30.61 2.52
CA VAL A 55 16.98 31.71 1.60
C VAL A 55 16.28 31.39 0.28
N VAL A 56 15.52 32.36 -0.22
CA VAL A 56 14.91 32.23 -1.53
C VAL A 56 15.46 33.33 -2.43
N LEU A 57 16.11 32.92 -3.52
CA LEU A 57 16.62 33.83 -4.56
C LEU A 57 15.64 33.90 -5.73
N GLU A 58 14.98 35.04 -5.90
CA GLU A 58 13.98 35.17 -6.91
C GLU A 58 14.13 36.52 -7.63
N ALA A 59 14.17 36.51 -8.97
CA ALA A 59 14.21 37.78 -9.74
C ALA A 59 12.95 38.62 -9.46
N PRO A 60 13.07 39.95 -9.55
CA PRO A 60 11.81 40.74 -9.42
C PRO A 60 10.85 40.27 -10.51
N THR A 61 9.64 39.85 -10.14
CA THR A 61 8.76 39.18 -11.11
C THR A 61 7.69 40.13 -11.63
N ILE A 62 7.54 40.11 -12.94
CA ILE A 62 6.53 40.87 -13.66
C ILE A 62 5.20 40.10 -13.60
N PRO A 63 4.06 40.81 -13.41
CA PRO A 63 2.78 40.10 -13.36
C PRO A 63 2.53 39.28 -14.64
N ARG A 64 1.88 38.14 -14.45
CA ARG A 64 1.53 37.20 -15.51
C ARG A 64 0.03 36.99 -15.46
N ILE A 65 -0.59 36.50 -16.55
CA ILE A 65 -2.04 36.27 -16.46
C ILE A 65 -2.26 35.01 -15.62
N GLY A 66 -3.27 35.10 -14.73
CA GLY A 66 -3.73 33.99 -13.94
C GLY A 66 -4.48 33.02 -14.83
N VAL A 67 -3.72 32.14 -15.45
CA VAL A 67 -4.21 31.30 -16.49
C VAL A 67 -4.84 30.04 -15.84
N GLY A 68 -4.71 30.01 -14.51
CA GLY A 68 -5.48 29.12 -13.65
C GLY A 68 -4.78 27.78 -13.55
N GLU A 69 -4.84 27.20 -12.36
CA GLU A 69 -4.19 25.97 -12.03
C GLU A 69 -5.21 25.13 -11.22
N ALA A 70 -5.26 23.83 -11.46
CA ALA A 70 -6.18 22.91 -10.73
C ALA A 70 -5.39 22.08 -9.71
N THR A 71 -6.07 21.49 -8.75
CA THR A 71 -5.41 20.72 -7.68
C THR A 71 -6.16 19.43 -7.37
N VAL A 72 -5.66 18.70 -6.38
CA VAL A 72 -6.28 17.48 -5.93
C VAL A 72 -6.64 17.64 -4.46
N PRO A 73 -7.52 16.76 -3.96
CA PRO A 73 -8.09 16.97 -2.62
C PRO A 73 -7.11 17.05 -1.44
N ASN A 74 -5.95 16.39 -1.53
CA ASN A 74 -5.05 16.34 -0.38
C ASN A 74 -4.43 17.71 -0.06
N LEU A 75 -4.53 18.70 -0.94
CA LEU A 75 -3.72 19.91 -0.76
C LEU A 75 -4.02 20.58 0.59
N GLN A 76 -5.29 20.67 0.99
CA GLN A 76 -5.59 21.42 2.23
C GLN A 76 -4.99 20.64 3.42
N ARG A 77 -5.22 19.35 3.43
CA ARG A 77 -4.78 18.54 4.58
C ARG A 77 -3.26 18.48 4.63
N ALA A 78 -2.64 18.06 3.54
CA ALA A 78 -1.22 17.77 3.53
C ALA A 78 -0.38 19.05 3.61
N PHE A 79 -0.84 20.16 3.01
CA PHE A 79 -0.01 21.36 2.85
C PHE A 79 -0.55 22.49 3.73
N PHE A 80 -1.74 23.02 3.48
CA PHE A 80 -2.17 24.26 4.16
C PHE A 80 -2.43 24.01 5.66
N ASP A 81 -3.13 22.91 5.98
CA ASP A 81 -3.42 22.55 7.40
C ASP A 81 -2.10 22.38 8.15
N TYR A 82 -1.17 21.74 7.47
CA TYR A 82 0.12 21.46 8.01
C TYR A 82 0.77 22.77 8.48
N LEU A 83 0.63 23.82 7.67
CA LEU A 83 1.19 25.13 7.98
C LEU A 83 0.27 25.93 8.92
N GLY A 84 -0.92 25.43 9.26
CA GLY A 84 -1.89 26.21 10.10
C GLY A 84 -2.51 27.35 9.31
N ILE A 85 -2.77 27.15 8.01
CA ILE A 85 -3.40 28.15 7.17
C ILE A 85 -4.82 27.68 6.84
N PRO A 86 -5.85 28.41 7.34
CA PRO A 86 -7.23 27.96 7.10
C PRO A 86 -7.65 28.02 5.61
N GLU A 87 -8.46 27.05 5.20
CA GLU A 87 -8.87 26.89 3.82
C GLU A 87 -9.49 28.17 3.28
N GLU A 88 -10.44 28.75 4.01
CA GLU A 88 -11.14 29.90 3.51
C GLU A 88 -10.15 31.08 3.37
N GLU A 89 -9.17 31.15 4.26
CA GLU A 89 -8.25 32.31 4.30
C GLU A 89 -7.44 32.37 3.00
N TRP A 90 -6.77 31.27 2.64
CA TRP A 90 -5.95 31.29 1.43
C TRP A 90 -6.85 31.43 0.19
N MET A 91 -7.99 30.74 0.17
CA MET A 91 -8.92 30.74 -0.99
C MET A 91 -9.39 32.17 -1.27
N ARG A 92 -9.80 32.91 -0.23
CA ARG A 92 -10.29 34.30 -0.38
C ARG A 92 -9.19 35.21 -0.95
N GLU A 93 -7.92 34.86 -0.75
CA GLU A 93 -6.78 35.66 -1.25
C GLU A 93 -6.30 35.19 -2.61
N CYS A 94 -6.91 34.15 -3.22
CA CYS A 94 -6.34 33.53 -4.40
C CYS A 94 -7.39 33.31 -5.50
N ASN A 95 -8.50 34.03 -5.37
CA ASN A 95 -9.70 33.89 -6.22
C ASN A 95 -10.02 32.40 -6.49
N ALA A 96 -9.94 31.57 -5.46
CA ALA A 96 -10.09 30.11 -5.60
C ALA A 96 -11.54 29.71 -5.85
N SER A 97 -11.73 28.62 -6.60
CA SER A 97 -13.04 28.01 -6.73
C SER A 97 -12.90 26.50 -6.50
N TYR A 98 -14.02 25.79 -6.62
CA TYR A 98 -14.14 24.37 -6.26
C TYR A 98 -14.09 23.46 -7.50
N LYS A 99 -13.45 22.29 -7.31
CA LYS A 99 -13.21 21.30 -8.36
C LYS A 99 -13.66 19.93 -7.85
N MET A 100 -14.57 19.26 -8.55
CA MET A 100 -15.02 17.96 -8.12
C MET A 100 -14.56 16.88 -9.10
N ALA A 101 -13.90 17.25 -10.19
CA ALA A 101 -13.49 16.29 -11.19
C ALA A 101 -12.76 17.01 -12.33
N VAL A 102 -12.15 16.21 -13.18
CA VAL A 102 -11.87 16.64 -14.52
C VAL A 102 -12.93 16.04 -15.42
N LYS A 103 -13.51 16.87 -16.29
CA LYS A 103 -14.53 16.45 -17.24
C LYS A 103 -13.95 16.48 -18.68
N PHE A 104 -14.07 15.37 -19.38
CA PHE A 104 -13.57 15.23 -20.74
C PHE A 104 -14.72 15.41 -21.74
N ILE A 105 -14.60 16.43 -22.59
CA ILE A 105 -15.58 16.80 -23.59
C ILE A 105 -14.99 16.47 -24.98
N ASN A 106 -15.62 15.60 -25.76
CA ASN A 106 -15.33 15.41 -27.22
C ASN A 106 -14.03 14.61 -27.44
N TRP A 107 -13.65 13.83 -26.44
CA TRP A 107 -12.51 12.96 -26.56
C TRP A 107 -12.83 11.72 -27.41
N ARG A 108 -14.11 11.48 -27.75
CA ARG A 108 -14.45 10.25 -28.51
C ARG A 108 -14.97 10.56 -29.91
N THR A 109 -15.16 11.81 -30.25
CA THR A 109 -15.81 12.17 -31.49
C THR A 109 -14.92 13.17 -32.24
N PRO A 110 -14.98 13.16 -33.59
CA PRO A 110 -14.06 13.92 -34.41
C PRO A 110 -14.56 15.35 -34.63
N GLY A 111 -13.66 16.20 -35.09
CA GLY A 111 -14.05 17.50 -35.51
C GLY A 111 -13.27 18.58 -34.79
N GLU A 112 -13.54 19.80 -35.21
CA GLU A 112 -12.97 20.98 -34.63
C GLU A 112 -13.44 21.06 -33.18
N GLY A 113 -12.68 21.75 -32.38
CA GLY A 113 -13.01 21.91 -31.01
C GLY A 113 -14.30 22.70 -30.84
N SER A 114 -15.06 22.32 -29.83
CA SER A 114 -16.21 23.08 -29.37
C SER A 114 -16.30 22.93 -27.84
N PRO A 115 -16.72 23.97 -27.14
CA PRO A 115 -16.96 23.78 -25.73
C PRO A 115 -18.15 22.83 -25.47
N ASP A 116 -19.01 22.68 -26.48
CA ASP A 116 -20.25 21.91 -26.37
C ASP A 116 -19.97 20.49 -26.88
N PRO A 117 -20.46 19.51 -26.14
CA PRO A 117 -20.14 18.16 -26.53
C PRO A 117 -21.00 17.73 -27.72
N ARG A 118 -20.37 16.95 -28.58
CA ARG A 118 -21.01 16.31 -29.71
C ARG A 118 -21.86 15.12 -29.21
N THR A 119 -22.73 14.61 -30.09
CA THR A 119 -23.60 13.52 -29.70
C THR A 119 -23.00 12.21 -30.22
N LEU A 120 -22.87 11.25 -29.32
CA LEU A 120 -22.40 9.91 -29.66
C LEU A 120 -23.49 9.16 -30.44
N ASP A 121 -23.12 8.01 -30.98
CA ASP A 121 -24.04 7.20 -31.80
C ASP A 121 -25.14 6.61 -30.92
N ASP A 122 -24.93 6.47 -29.59
CA ASP A 122 -25.99 6.02 -28.65
C ASP A 122 -26.88 7.19 -28.18
N GLY A 123 -26.71 8.42 -28.70
CA GLY A 123 -27.54 9.56 -28.34
C GLY A 123 -27.00 10.35 -27.13
N HIS A 124 -26.08 9.79 -26.33
CA HIS A 124 -25.42 10.56 -25.25
C HIS A 124 -24.50 11.68 -25.77
N THR A 125 -24.34 12.70 -24.93
CA THR A 125 -23.33 13.70 -25.18
C THR A 125 -21.95 13.06 -24.93
N ASP A 126 -20.97 13.54 -25.68
CA ASP A 126 -19.63 13.02 -25.56
C ASP A 126 -18.93 13.67 -24.35
N THR A 127 -19.32 13.24 -23.16
CA THR A 127 -18.70 13.69 -21.91
C THR A 127 -18.53 12.48 -20.97
N PHE A 128 -17.48 12.50 -20.19
CA PHE A 128 -17.25 11.56 -19.10
C PHE A 128 -16.39 12.26 -18.04
N HIS A 129 -16.69 11.98 -16.77
CA HIS A 129 -16.09 12.60 -15.66
C HIS A 129 -15.06 11.68 -15.00
N HIS A 130 -14.10 12.33 -14.39
CA HIS A 130 -13.10 11.68 -13.54
C HIS A 130 -13.19 12.30 -12.15
N PRO A 131 -14.11 11.80 -11.30
CA PRO A 131 -14.26 12.44 -10.00
C PRO A 131 -13.23 11.92 -8.97
N PHE A 132 -13.26 12.57 -7.81
CA PHE A 132 -12.46 12.18 -6.66
C PHE A 132 -13.23 11.15 -5.82
N GLY A 133 -12.65 10.80 -4.69
CA GLY A 133 -13.20 9.80 -3.79
C GLY A 133 -12.84 8.37 -4.20
N LEU A 134 -13.41 7.45 -3.47
CA LEU A 134 -13.13 6.02 -3.70
C LEU A 134 -14.48 5.31 -3.83
N LEU A 135 -14.60 4.38 -4.77
CA LEU A 135 -15.84 3.68 -5.01
C LEU A 135 -16.06 2.72 -3.84
N PRO A 136 -17.33 2.52 -3.47
CA PRO A 136 -17.65 1.53 -2.44
C PRO A 136 -17.60 0.13 -3.05
N SER A 137 -17.63 -0.88 -2.18
CA SER A 137 -17.52 -2.26 -2.55
C SER A 137 -18.68 -3.01 -1.93
N ALA A 138 -19.01 -4.14 -2.56
CA ALA A 138 -19.88 -5.16 -2.00
C ALA A 138 -19.09 -6.46 -2.06
N ASP A 139 -18.92 -7.16 -0.93
CA ASP A 139 -18.20 -8.47 -0.94
C ASP A 139 -16.77 -8.29 -1.49
N GLN A 140 -16.16 -7.15 -1.12
CA GLN A 140 -14.76 -6.78 -1.41
C GLN A 140 -14.55 -6.40 -2.89
N ILE A 141 -15.61 -6.39 -3.72
CA ILE A 141 -15.53 -6.08 -5.14
C ILE A 141 -16.03 -4.64 -5.33
N PRO A 142 -15.25 -3.77 -6.02
CA PRO A 142 -15.61 -2.38 -6.28
C PRO A 142 -16.90 -2.25 -7.10
N LEU A 143 -17.68 -1.21 -6.85
CA LEU A 143 -18.96 -0.99 -7.55
C LEU A 143 -18.76 -1.01 -9.08
N SER A 144 -17.62 -0.52 -9.54
CA SER A 144 -17.27 -0.50 -10.95
C SER A 144 -17.48 -1.87 -11.61
N HIS A 145 -17.12 -2.91 -10.90
CA HIS A 145 -17.13 -4.26 -11.44
C HIS A 145 -18.58 -4.77 -11.59
N TYR A 146 -19.47 -4.37 -10.68
CA TYR A 146 -20.87 -4.68 -10.78
C TYR A 146 -21.50 -3.92 -11.95
N TRP A 147 -21.06 -2.67 -12.19
CA TRP A 147 -21.58 -1.92 -13.33
C TRP A 147 -21.09 -2.59 -14.62
N ALA A 148 -19.83 -2.99 -14.67
CA ALA A 148 -19.28 -3.58 -15.88
C ALA A 148 -19.95 -4.91 -16.22
N ALA A 149 -20.28 -5.73 -15.21
CA ALA A 149 -20.93 -7.00 -15.48
C ALA A 149 -22.29 -6.71 -16.14
N LYS A 150 -23.02 -5.74 -15.58
CA LYS A 150 -24.36 -5.45 -16.09
C LYS A 150 -24.26 -4.85 -17.48
N ARG A 151 -23.25 -4.01 -17.68
CA ARG A 151 -23.10 -3.33 -18.95
C ARG A 151 -22.80 -4.37 -20.04
N LEU A 152 -21.90 -5.32 -19.75
CA LEU A 152 -21.44 -6.34 -20.68
C LEU A 152 -22.55 -7.38 -20.93
N GLN A 153 -23.45 -7.57 -19.97
CA GLN A 153 -24.49 -8.63 -20.07
C GLN A 153 -25.83 -8.02 -20.51
N GLY A 154 -25.82 -6.77 -20.97
CA GLY A 154 -27.00 -6.09 -21.50
C GLY A 154 -28.04 -5.75 -20.43
N GLU A 155 -27.61 -5.63 -19.19
CA GLU A 155 -28.55 -5.46 -18.09
C GLU A 155 -28.57 -4.00 -17.66
N THR A 156 -27.74 -3.12 -18.21
CA THR A 156 -27.88 -1.68 -17.95
C THR A 156 -27.46 -0.90 -19.19
N ASP A 157 -28.07 0.29 -19.31
CA ASP A 157 -27.78 1.22 -20.40
C ASP A 157 -27.07 2.47 -19.89
N GLU A 158 -26.81 2.49 -18.58
CA GLU A 158 -26.27 3.67 -17.94
C GLU A 158 -24.75 3.71 -18.14
N ASN A 159 -24.22 4.91 -18.33
CA ASN A 159 -22.76 5.15 -18.39
C ASN A 159 -22.13 5.00 -16.99
N PHE A 160 -20.86 4.63 -16.99
CA PHE A 160 -20.11 4.37 -15.76
C PHE A 160 -20.16 5.56 -14.78
N ASP A 161 -19.95 6.77 -15.24
CA ASP A 161 -19.82 7.89 -14.26
C ASP A 161 -21.17 8.18 -13.61
N GLU A 162 -22.25 8.10 -14.38
CA GLU A 162 -23.56 8.35 -13.84
C GLU A 162 -23.97 7.24 -12.89
N ALA A 163 -23.58 6.00 -13.19
CA ALA A 163 -23.97 4.84 -12.38
C ALA A 163 -23.23 4.82 -11.04
N CYS A 164 -21.96 5.23 -11.00
CA CYS A 164 -21.09 4.90 -9.88
C CYS A 164 -20.69 6.12 -9.04
N PHE A 165 -20.85 7.38 -9.47
CA PHE A 165 -20.50 8.55 -8.67
C PHE A 165 -21.69 9.53 -8.60
N ALA A 166 -22.17 9.77 -7.40
CA ALA A 166 -23.18 10.79 -7.18
C ALA A 166 -22.65 12.15 -7.64
N ASP A 167 -21.35 12.35 -7.59
CA ASP A 167 -20.77 13.66 -7.95
C ASP A 167 -21.08 14.03 -9.39
N THR A 168 -21.22 13.05 -10.28
CA THR A 168 -21.61 13.33 -11.66
C THR A 168 -22.93 14.12 -11.73
N ALA A 169 -23.92 13.74 -10.92
CA ALA A 169 -25.22 14.44 -10.91
C ALA A 169 -25.03 15.86 -10.37
N ILE A 170 -24.25 15.94 -9.32
CA ILE A 170 -24.01 17.24 -8.67
C ILE A 170 -23.33 18.18 -9.67
N MET A 171 -22.33 17.67 -10.39
CA MET A 171 -21.63 18.47 -11.40
C MET A 171 -22.53 18.88 -12.57
N ASN A 172 -23.36 17.95 -13.03
CA ASN A 172 -24.28 18.26 -14.11
C ASN A 172 -25.22 19.40 -13.73
N ALA A 173 -25.53 19.54 -12.45
CA ALA A 173 -26.40 20.62 -11.92
C ALA A 173 -25.58 21.85 -11.53
N LYS A 174 -24.24 21.77 -11.58
CA LYS A 174 -23.33 22.82 -11.17
C LYS A 174 -23.49 23.19 -9.68
N LYS A 175 -23.92 22.23 -8.88
CA LYS A 175 -24.03 22.45 -7.46
C LYS A 175 -22.64 22.39 -6.81
N ALA A 176 -22.52 23.06 -5.68
CA ALA A 176 -21.30 23.14 -4.89
C ALA A 176 -21.08 21.87 -4.06
N PRO A 177 -19.81 21.62 -3.67
CA PRO A 177 -19.44 20.49 -2.80
C PRO A 177 -19.66 20.75 -1.30
N ARG A 178 -20.06 21.98 -0.96
CA ARG A 178 -20.47 22.33 0.40
C ARG A 178 -21.84 23.02 0.39
N PHE A 179 -22.56 22.88 1.51
CA PHE A 179 -23.79 23.67 1.75
C PHE A 179 -23.36 25.09 2.14
N LEU A 180 -24.28 26.06 2.11
CA LEU A 180 -24.03 27.43 2.61
C LEU A 180 -23.61 27.46 4.09
N ASP A 181 -24.10 26.54 4.89
CA ASP A 181 -23.64 26.46 6.24
C ASP A 181 -22.22 25.86 6.31
N MET A 182 -21.63 25.57 5.15
CA MET A 182 -20.24 25.07 4.96
C MET A 182 -20.07 23.60 5.38
N ARG A 183 -21.14 22.88 5.70
CA ARG A 183 -21.00 21.43 5.88
C ARG A 183 -20.54 20.80 4.55
N ARG A 184 -19.62 19.86 4.61
CA ARG A 184 -19.17 19.08 3.46
C ARG A 184 -20.29 18.19 2.92
N ALA A 185 -20.41 18.15 1.60
CA ALA A 185 -21.36 17.28 0.94
C ALA A 185 -20.61 16.18 0.18
N THR A 186 -19.49 16.57 -0.46
CA THR A 186 -18.68 15.64 -1.20
C THR A 186 -17.20 16.01 -1.13
N ASN A 187 -16.41 15.20 -1.81
CA ASN A 187 -15.01 15.47 -2.04
C ASN A 187 -14.84 16.59 -3.04
N TYR A 188 -13.75 17.31 -2.86
CA TYR A 188 -13.37 18.34 -3.84
C TYR A 188 -11.92 18.79 -3.65
N ALA A 189 -11.48 19.56 -4.63
CA ALA A 189 -10.18 20.22 -4.65
C ALA A 189 -10.39 21.67 -5.16
N TRP A 190 -9.34 22.32 -5.65
CA TRP A 190 -9.37 23.75 -5.86
C TRP A 190 -8.90 24.16 -7.26
N HIS A 191 -9.46 25.27 -7.69
CA HIS A 191 -9.01 26.04 -8.85
C HIS A 191 -8.42 27.32 -8.27
N PHE A 192 -7.26 27.77 -8.69
CA PHE A 192 -6.78 29.03 -8.18
C PHE A 192 -5.84 29.70 -9.19
N ASP A 193 -5.63 30.97 -8.91
CA ASP A 193 -4.66 31.78 -9.60
C ASP A 193 -3.28 31.48 -8.98
N ALA A 194 -2.42 30.82 -9.72
CA ALA A 194 -1.13 30.34 -9.22
C ALA A 194 -0.26 31.48 -8.67
N SER A 195 -0.31 32.66 -9.29
CA SER A 195 0.46 33.83 -8.85
C SER A 195 0.06 34.30 -7.45
N LYS A 196 -1.24 34.31 -7.19
CA LYS A 196 -1.78 34.77 -5.94
C LYS A 196 -1.39 33.80 -4.82
N VAL A 197 -1.38 32.51 -5.10
CA VAL A 197 -0.98 31.56 -4.10
C VAL A 197 0.52 31.74 -3.81
N ALA A 198 1.34 31.92 -4.82
CA ALA A 198 2.78 32.20 -4.55
C ALA A 198 2.93 33.47 -3.70
N ALA A 199 2.16 34.51 -4.02
CA ALA A 199 2.27 35.81 -3.29
C ALA A 199 1.85 35.59 -1.84
N PHE A 200 0.83 34.76 -1.65
CA PHE A 200 0.28 34.49 -0.33
C PHE A 200 1.33 33.76 0.50
N LEU A 201 1.90 32.72 -0.09
CA LEU A 201 2.88 31.92 0.62
C LEU A 201 4.16 32.72 0.84
N ARG A 202 4.61 33.50 -0.12
CA ARG A 202 5.76 34.40 0.08
C ARG A 202 5.54 35.31 1.32
N ASN A 203 4.37 35.89 1.45
CA ASN A 203 4.10 36.82 2.56
C ASN A 203 4.16 36.01 3.86
N PHE A 204 3.53 34.86 3.84
CA PHE A 204 3.55 33.99 5.00
C PHE A 204 4.99 33.67 5.43
N ALA A 205 5.82 33.20 4.49
CA ALA A 205 7.16 32.75 4.79
C ALA A 205 8.01 33.93 5.29
N VAL A 206 7.84 35.11 4.68
CA VAL A 206 8.66 36.28 4.97
C VAL A 206 8.28 36.85 6.34
N THR A 207 6.99 36.89 6.65
CA THR A 207 6.48 37.58 7.81
C THR A 207 6.31 36.63 9.00
N LYS A 208 6.19 35.31 8.83
CA LYS A 208 5.98 34.39 9.95
C LYS A 208 7.08 33.32 10.07
N GLN A 209 7.99 33.21 9.12
CA GLN A 209 9.08 32.20 9.20
C GLN A 209 10.44 32.82 8.91
N ALA A 210 10.53 34.13 8.89
CA ALA A 210 11.84 34.87 8.73
C ALA A 210 12.65 34.34 7.55
N VAL A 211 12.00 34.02 6.43
CA VAL A 211 12.75 33.63 5.25
C VAL A 211 13.49 34.87 4.74
N GLU A 212 14.72 34.66 4.29
CA GLU A 212 15.44 35.70 3.66
C GLU A 212 15.08 35.66 2.16
N HIS A 213 14.33 36.64 1.73
CA HIS A 213 13.97 36.79 0.37
C HIS A 213 14.98 37.69 -0.34
N VAL A 214 15.83 37.13 -1.18
CA VAL A 214 16.79 37.88 -1.95
C VAL A 214 16.20 38.15 -3.34
N GLU A 215 15.78 39.39 -3.56
CA GLU A 215 15.15 39.73 -4.83
C GLU A 215 16.25 40.18 -5.78
N ASP A 216 16.70 39.29 -6.64
CA ASP A 216 17.97 39.49 -7.32
C ASP A 216 18.12 38.40 -8.38
N GLU A 217 19.05 38.59 -9.30
CA GLU A 217 19.29 37.64 -10.40
C GLU A 217 20.53 36.81 -10.05
N MET A 218 20.46 35.51 -10.29
CA MET A 218 21.64 34.66 -10.10
C MET A 218 22.58 34.80 -11.30
N THR A 219 23.89 34.98 -11.06
CA THR A 219 24.90 35.16 -12.11
C THR A 219 25.92 34.00 -12.18
N GLU A 220 26.08 33.22 -11.12
CA GLU A 220 27.02 32.11 -11.12
C GLU A 220 26.66 31.06 -10.05
N VAL A 221 26.83 29.80 -10.40
CA VAL A 221 26.67 28.72 -9.41
C VAL A 221 28.09 28.30 -9.01
N LEU A 222 28.46 28.48 -7.75
CA LEU A 222 29.82 28.12 -7.36
C LEU A 222 29.82 26.65 -6.91
N THR A 223 30.77 25.85 -7.37
CA THR A 223 30.91 24.44 -6.95
C THR A 223 32.33 24.16 -6.41
N ASP A 224 32.43 23.19 -5.51
CA ASP A 224 33.75 22.77 -4.97
C ASP A 224 34.32 21.58 -5.77
N GLU A 225 35.48 21.06 -5.35
CA GLU A 225 36.17 19.96 -6.05
C GLU A 225 35.31 18.68 -6.08
N ARG A 226 34.34 18.54 -5.18
CA ARG A 226 33.46 17.34 -5.14
C ARG A 226 32.28 17.44 -6.14
N GLY A 227 32.06 18.58 -6.76
CA GLY A 227 30.85 18.86 -7.58
C GLY A 227 29.66 19.37 -6.77
N PHE A 228 29.87 19.63 -5.48
CA PHE A 228 28.82 20.16 -4.61
C PHE A 228 28.71 21.67 -4.86
N ILE A 229 27.50 22.18 -4.88
CA ILE A 229 27.27 23.62 -4.94
C ILE A 229 27.69 24.22 -3.61
N THR A 230 28.41 25.35 -3.61
CA THR A 230 28.79 26.00 -2.35
C THR A 230 28.05 27.31 -2.15
N ALA A 231 27.71 28.02 -3.21
CA ALA A 231 27.05 29.34 -3.09
C ALA A 231 26.49 29.71 -4.47
N LEU A 232 25.49 30.60 -4.48
CA LEU A 232 24.95 31.23 -5.68
C LEU A 232 25.35 32.71 -5.66
N ARG A 233 26.06 33.14 -6.68
CA ARG A 233 26.46 34.55 -6.86
C ARG A 233 25.27 35.31 -7.44
N THR A 234 25.07 36.54 -7.00
CA THR A 234 23.97 37.31 -7.55
C THR A 234 24.47 38.61 -8.16
N LYS A 235 23.62 39.20 -8.96
CA LYS A 235 24.04 40.34 -9.76
C LYS A 235 24.40 41.52 -8.86
N SER A 236 23.73 41.65 -7.72
CA SER A 236 23.96 42.74 -6.78
C SER A 236 25.24 42.52 -5.99
N GLY A 237 25.79 41.31 -6.02
CA GLY A 237 27.11 41.04 -5.40
C GLY A 237 27.05 40.09 -4.21
N ARG A 238 25.86 39.63 -3.82
CA ARG A 238 25.76 38.61 -2.79
C ARG A 238 26.43 37.33 -3.30
N ILE A 239 27.00 36.56 -2.38
CA ILE A 239 27.44 35.21 -2.62
C ILE A 239 26.73 34.36 -1.57
N LEU A 240 25.61 33.77 -1.99
CA LEU A 240 24.70 33.10 -1.04
C LEU A 240 25.19 31.69 -0.72
N GLN A 241 25.88 31.59 0.42
CA GLN A 241 26.32 30.33 0.93
C GLN A 241 25.10 29.47 1.28
N GLY A 242 25.22 28.18 1.02
CA GLY A 242 24.23 27.22 1.43
C GLY A 242 24.81 25.84 1.59
N ASP A 243 24.09 24.97 2.29
CA ASP A 243 24.48 23.59 2.52
C ASP A 243 23.66 22.62 1.66
N LEU A 244 22.43 23.04 1.35
CA LEU A 244 21.50 22.32 0.52
C LEU A 244 20.84 23.33 -0.41
N PHE A 245 20.74 22.98 -1.70
CA PHE A 245 20.17 23.87 -2.71
C PHE A 245 18.94 23.20 -3.32
N VAL A 246 17.81 23.92 -3.30
CA VAL A 246 16.64 23.44 -3.98
C VAL A 246 16.50 24.19 -5.30
N ASP A 247 16.44 23.48 -6.41
CA ASP A 247 16.25 24.08 -7.72
C ASP A 247 14.77 24.16 -8.06
N CYS A 248 14.19 25.36 -7.97
CA CYS A 248 12.85 25.66 -8.41
C CYS A 248 12.91 26.68 -9.56
N SER A 249 13.91 26.55 -10.42
CA SER A 249 14.19 27.52 -11.46
C SER A 249 13.34 27.27 -12.71
N GLY A 250 12.57 26.20 -12.73
CA GLY A 250 11.73 25.90 -13.89
C GLY A 250 12.45 25.02 -14.90
N PHE A 251 11.94 25.06 -16.11
CA PHE A 251 12.34 24.14 -17.21
C PHE A 251 13.85 24.21 -17.49
N ARG A 252 14.52 25.33 -17.22
CA ARG A 252 15.96 25.45 -17.54
C ARG A 252 16.86 24.69 -16.54
N GLY A 253 16.31 24.35 -15.37
CA GLY A 253 16.99 23.55 -14.41
C GLY A 253 18.40 24.06 -14.18
N LEU A 254 18.49 25.34 -13.81
CA LEU A 254 19.77 26.01 -13.77
C LEU A 254 20.71 25.33 -12.77
N LEU A 255 20.17 24.70 -11.72
CA LEU A 255 21.06 24.03 -10.80
C LEU A 255 21.21 22.55 -11.18
N ILE A 256 20.10 21.82 -11.29
CA ILE A 256 20.13 20.34 -11.46
C ILE A 256 20.69 19.96 -12.84
N ASN A 257 20.32 20.68 -13.89
CA ASN A 257 20.72 20.30 -15.26
C ASN A 257 21.99 21.06 -15.66
N LYS A 258 22.07 22.36 -15.41
CA LYS A 258 23.27 23.11 -15.88
C LYS A 258 24.46 22.94 -14.93
N ALA A 259 24.35 23.34 -13.68
CA ALA A 259 25.52 23.29 -12.82
C ALA A 259 25.89 21.84 -12.49
N MET A 260 24.88 21.00 -12.20
CA MET A 260 25.12 19.61 -11.72
C MET A 260 25.23 18.63 -12.91
N GLU A 261 24.83 19.08 -14.10
CA GLU A 261 25.04 18.38 -15.38
C GLU A 261 24.16 17.12 -15.45
N GLU A 262 23.08 17.06 -14.67
CA GLU A 262 22.24 15.88 -14.70
C GLU A 262 21.40 15.88 -15.99
N PRO A 263 21.39 14.76 -16.72
CA PRO A 263 20.64 14.75 -17.97
C PRO A 263 19.12 14.71 -17.68
N PHE A 264 18.37 15.25 -18.61
CA PHE A 264 16.94 15.18 -18.61
C PHE A 264 16.49 14.07 -19.54
N ILE A 265 15.50 13.27 -19.10
CA ILE A 265 14.96 12.22 -19.96
C ILE A 265 13.68 12.75 -20.65
N ASP A 266 13.82 13.01 -21.95
CA ASP A 266 12.67 13.39 -22.77
C ASP A 266 11.75 12.17 -22.92
N MET A 267 10.47 12.40 -22.72
CA MET A 267 9.48 11.34 -22.74
C MET A 267 8.35 11.63 -23.74
N SER A 268 8.71 12.29 -24.84
CA SER A 268 7.80 12.56 -25.93
C SER A 268 7.46 11.28 -26.69
N ASP A 269 8.07 10.17 -26.31
CA ASP A 269 7.75 8.85 -26.86
C ASP A 269 6.54 8.27 -26.09
N HIS A 270 6.00 9.03 -25.15
CA HIS A 270 4.80 8.60 -24.41
C HIS A 270 3.71 9.67 -24.45
N LEU A 271 4.08 10.95 -24.53
CA LEU A 271 3.12 12.04 -24.62
C LEU A 271 3.60 13.02 -25.69
N LEU A 272 2.76 13.34 -26.69
CA LEU A 272 3.19 14.20 -27.84
C LEU A 272 3.08 15.72 -27.56
N CYS A 273 2.13 16.13 -26.72
CA CYS A 273 1.92 17.56 -26.57
C CYS A 273 3.15 18.17 -25.88
N ASN A 274 3.55 19.36 -26.35
CA ASN A 274 4.78 19.99 -25.88
C ASN A 274 4.63 21.52 -25.81
N SER A 275 3.43 22.05 -25.85
CA SER A 275 3.24 23.47 -26.00
C SER A 275 1.92 23.88 -25.38
N ALA A 276 1.80 25.14 -25.00
CA ALA A 276 0.50 25.60 -24.59
C ALA A 276 0.35 27.09 -24.95
N VAL A 277 -0.89 27.46 -25.27
CA VAL A 277 -1.23 28.89 -25.40
C VAL A 277 -2.42 29.14 -24.48
N ALA A 278 -2.35 30.20 -23.71
CA ALA A 278 -3.32 30.33 -22.63
C ALA A 278 -3.66 31.80 -22.40
N THR A 279 -4.82 31.99 -21.78
CA THR A 279 -5.34 33.30 -21.49
C THR A 279 -6.37 33.15 -20.37
N ALA A 280 -6.79 34.28 -19.80
CA ALA A 280 -7.90 34.29 -18.85
C ALA A 280 -9.10 34.94 -19.53
N VAL A 281 -10.28 34.34 -19.38
CA VAL A 281 -11.50 34.77 -20.08
C VAL A 281 -12.55 35.25 -19.08
N PRO A 282 -12.82 36.57 -19.01
CA PRO A 282 -13.95 37.06 -18.20
C PRO A 282 -15.23 36.26 -18.47
N HIS A 283 -15.98 35.96 -17.43
CA HIS A 283 -17.07 35.01 -17.53
C HIS A 283 -18.32 35.62 -16.89
N ASP A 284 -19.44 35.50 -17.60
CA ASP A 284 -20.75 35.88 -17.06
C ASP A 284 -21.25 34.81 -16.07
N ASP A 285 -20.89 34.91 -14.82
CA ASP A 285 -21.25 33.86 -13.89
C ASP A 285 -22.77 33.85 -13.68
N GLU A 286 -23.38 35.03 -13.51
CA GLU A 286 -24.81 35.09 -13.18
C GLU A 286 -25.59 34.27 -14.19
N LYS A 287 -25.32 34.47 -15.47
CA LYS A 287 -26.12 33.83 -16.50
C LYS A 287 -25.85 32.32 -16.52
N ASN A 288 -24.57 31.96 -16.43
CA ASN A 288 -24.11 30.62 -16.80
C ASN A 288 -23.88 29.77 -15.57
N GLY A 289 -23.75 30.39 -14.40
CA GLY A 289 -23.34 29.69 -13.19
C GLY A 289 -21.84 29.42 -13.23
N VAL A 290 -21.31 28.72 -12.24
CA VAL A 290 -19.93 28.33 -12.27
C VAL A 290 -19.86 26.81 -12.24
N GLU A 291 -19.01 26.24 -13.09
CA GLU A 291 -18.85 24.77 -13.16
C GLU A 291 -17.90 24.31 -12.06
N PRO A 292 -18.35 23.39 -11.20
CA PRO A 292 -17.43 22.95 -10.14
C PRO A 292 -16.49 21.83 -10.62
N TYR A 293 -15.78 22.11 -11.73
CA TYR A 293 -14.88 21.12 -12.31
C TYR A 293 -13.96 21.71 -13.37
N THR A 294 -12.82 21.07 -13.57
CA THR A 294 -11.94 21.39 -14.68
C THR A 294 -12.47 20.67 -15.92
N SER A 295 -12.54 21.37 -17.03
CA SER A 295 -12.93 20.80 -18.29
C SER A 295 -11.66 20.53 -19.13
N SER A 296 -11.63 19.38 -19.80
CA SER A 296 -10.64 19.07 -20.83
C SER A 296 -11.37 18.92 -22.16
N ILE A 297 -11.26 19.96 -23.01
CA ILE A 297 -12.03 20.10 -24.25
C ILE A 297 -11.11 19.69 -25.39
N ALA A 298 -11.40 18.56 -26.01
CA ALA A 298 -10.60 18.02 -27.08
C ALA A 298 -10.56 18.94 -28.28
N MET A 299 -9.39 18.99 -28.87
CA MET A 299 -9.10 19.82 -30.00
C MET A 299 -8.51 18.96 -31.13
N GLU A 300 -8.18 19.57 -32.24
CA GLU A 300 -7.65 18.78 -33.36
C GLU A 300 -6.21 18.34 -33.10
N ALA A 301 -5.39 19.19 -32.46
CA ALA A 301 -3.98 18.82 -32.27
C ALA A 301 -3.61 18.83 -30.78
N GLY A 302 -4.57 18.47 -29.93
CA GLY A 302 -4.40 18.49 -28.48
C GLY A 302 -5.73 18.71 -27.78
N TRP A 303 -5.71 19.52 -26.73
CA TRP A 303 -6.90 19.73 -25.90
C TRP A 303 -6.77 21.08 -25.21
N THR A 304 -7.88 21.56 -24.63
CA THR A 304 -7.91 22.82 -23.99
C THR A 304 -8.53 22.71 -22.59
N TRP A 305 -7.89 23.35 -21.61
CA TRP A 305 -8.38 23.29 -20.26
C TRP A 305 -9.33 24.48 -20.01
N LYS A 306 -10.32 24.24 -19.20
CA LYS A 306 -11.15 25.34 -18.67
C LYS A 306 -11.14 25.21 -17.15
N ILE A 307 -10.70 26.27 -16.46
CA ILE A 307 -10.49 26.23 -15.00
C ILE A 307 -11.27 27.42 -14.43
N PRO A 308 -12.52 27.14 -14.04
CA PRO A 308 -13.36 28.20 -13.57
C PRO A 308 -12.87 28.77 -12.24
N MET A 309 -12.89 30.10 -12.17
CA MET A 309 -12.73 30.86 -10.96
C MET A 309 -13.81 31.94 -10.92
N LEU A 310 -13.83 32.76 -9.88
CA LEU A 310 -14.87 33.81 -9.76
C LEU A 310 -14.66 34.89 -10.82
N GLY A 311 -15.71 35.13 -11.63
CA GLY A 311 -15.74 36.19 -12.65
C GLY A 311 -14.94 35.86 -13.90
N ARG A 312 -14.22 34.75 -13.93
CA ARG A 312 -13.41 34.43 -15.11
C ARG A 312 -12.95 32.97 -15.03
N PHE A 313 -12.54 32.42 -16.16
CA PHE A 313 -11.96 31.09 -16.20
C PHE A 313 -10.61 31.18 -16.92
N GLY A 314 -9.67 30.42 -16.39
CA GLY A 314 -8.38 30.20 -17.01
C GLY A 314 -8.53 29.16 -18.09
N SER A 315 -7.89 29.37 -19.23
CA SER A 315 -7.98 28.44 -20.31
C SER A 315 -6.63 28.35 -21.00
N GLY A 316 -6.35 27.16 -21.50
CA GLY A 316 -5.12 26.91 -22.18
C GLY A 316 -5.25 25.75 -23.15
N HIS A 317 -4.84 25.99 -24.39
CA HIS A 317 -4.78 24.96 -25.41
C HIS A 317 -3.43 24.30 -25.36
N VAL A 318 -3.40 23.05 -24.94
CA VAL A 318 -2.20 22.23 -24.94
C VAL A 318 -2.10 21.49 -26.29
N TYR A 319 -0.93 21.48 -26.90
CA TYR A 319 -0.81 21.03 -28.30
C TYR A 319 0.61 20.55 -28.63
N SER A 320 0.74 19.80 -29.70
CA SER A 320 2.07 19.44 -30.20
C SER A 320 2.43 20.38 -31.35
N ASP A 321 3.64 20.97 -31.27
CA ASP A 321 4.04 21.90 -32.29
C ASP A 321 4.57 21.16 -33.53
N HIS A 322 4.51 19.83 -33.53
CA HIS A 322 4.70 19.06 -34.74
C HIS A 322 3.39 19.01 -35.53
N PHE A 323 2.24 19.16 -34.88
CA PHE A 323 1.00 18.97 -35.61
C PHE A 323 0.29 20.31 -35.78
N ALA A 324 0.69 21.33 -35.04
CA ALA A 324 0.09 22.63 -35.13
C ALA A 324 1.16 23.69 -34.91
N THR A 325 1.24 24.69 -35.78
CA THR A 325 2.14 25.78 -35.52
C THR A 325 1.59 26.58 -34.35
N GLN A 326 2.45 27.36 -33.72
CA GLN A 326 2.00 28.24 -32.68
C GLN A 326 0.79 29.06 -33.17
N ASP A 327 0.92 29.65 -34.35
CA ASP A 327 -0.16 30.53 -34.83
C ASP A 327 -1.43 29.70 -35.07
N GLU A 328 -1.28 28.55 -35.70
CA GLU A 328 -2.42 27.65 -35.95
C GLU A 328 -3.13 27.33 -34.63
N ALA A 329 -2.35 26.97 -33.61
CA ALA A 329 -2.90 26.58 -32.32
C ALA A 329 -3.58 27.78 -31.63
N THR A 330 -3.01 28.98 -31.79
CA THR A 330 -3.55 30.18 -31.18
C THR A 330 -4.89 30.56 -31.82
N LEU A 331 -4.96 30.40 -33.15
CA LEU A 331 -6.15 30.67 -33.93
C LEU A 331 -7.24 29.69 -33.49
N ALA A 332 -6.92 28.40 -33.34
CA ALA A 332 -7.92 27.38 -32.94
C ALA A 332 -8.41 27.63 -31.50
N PHE A 333 -7.50 28.02 -30.62
CA PHE A 333 -7.83 28.37 -29.25
C PHE A 333 -8.77 29.57 -29.22
N SER A 334 -8.45 30.61 -29.99
CA SER A 334 -9.30 31.81 -30.06
C SER A 334 -10.71 31.49 -30.57
N LYS A 335 -10.79 30.72 -31.64
CA LYS A 335 -12.05 30.37 -32.27
C LYS A 335 -12.92 29.52 -31.31
N LEU A 336 -12.29 28.63 -30.54
CA LEU A 336 -13.03 27.83 -29.56
C LEU A 336 -13.87 28.74 -28.64
N TRP A 337 -13.29 29.85 -28.18
CA TRP A 337 -13.95 30.70 -27.22
C TRP A 337 -14.52 31.95 -27.88
N GLY A 338 -14.38 32.11 -29.19
CA GLY A 338 -14.91 33.34 -29.82
C GLY A 338 -14.08 34.58 -29.48
N LEU A 339 -12.82 34.38 -29.15
CA LEU A 339 -11.94 35.48 -28.81
C LEU A 339 -11.40 36.15 -30.09
N ASP A 340 -11.24 37.47 -30.03
CA ASP A 340 -10.61 38.18 -31.15
C ASP A 340 -9.10 38.11 -30.95
N PRO A 341 -8.35 37.41 -31.80
CA PRO A 341 -6.92 37.29 -31.55
C PRO A 341 -6.19 38.62 -31.33
N ASP A 342 -6.57 39.72 -31.99
CA ASP A 342 -5.76 40.94 -31.86
C ASP A 342 -6.31 41.85 -30.76
N ASN A 343 -7.25 41.36 -29.97
CA ASN A 343 -7.64 42.04 -28.75
C ASN A 343 -7.42 41.11 -27.55
N THR A 344 -6.64 40.02 -27.67
CA THR A 344 -6.50 39.03 -26.58
C THR A 344 -5.03 38.90 -26.20
N GLU A 345 -4.78 38.83 -24.90
CA GLU A 345 -3.46 38.64 -24.33
C GLU A 345 -3.20 37.14 -24.22
N PHE A 346 -2.13 36.67 -24.87
CA PHE A 346 -1.78 35.28 -24.85
C PHE A 346 -0.48 35.09 -24.06
N ASN A 347 -0.40 33.94 -23.38
CA ASN A 347 0.83 33.44 -22.76
C ASN A 347 1.22 32.18 -23.53
N HIS A 348 2.47 32.08 -23.93
CA HIS A 348 2.95 30.99 -24.73
C HIS A 348 4.03 30.25 -23.96
N VAL A 349 3.88 28.92 -23.92
CA VAL A 349 4.80 28.10 -23.14
C VAL A 349 5.23 26.91 -24.00
N ARG A 350 6.55 26.68 -23.99
CA ARG A 350 7.13 25.46 -24.55
C ARG A 350 7.49 24.53 -23.39
N PHE A 351 6.93 23.34 -23.40
CA PHE A 351 7.14 22.45 -22.29
C PHE A 351 8.47 21.70 -22.48
N ARG A 352 8.92 21.17 -21.38
CA ARG A 352 9.87 20.11 -21.37
C ARG A 352 9.15 18.95 -20.71
N VAL A 353 8.78 17.92 -21.47
CA VAL A 353 8.02 16.80 -20.95
C VAL A 353 8.97 15.64 -20.64
N GLY A 354 8.85 15.14 -19.43
CA GLY A 354 9.70 14.07 -18.93
C GLY A 354 10.26 14.43 -17.57
N ARG A 355 11.37 13.81 -17.17
CA ARG A 355 11.94 14.02 -15.85
C ARG A 355 13.45 13.87 -15.93
N ASN A 356 14.11 14.39 -14.92
CA ASN A 356 15.54 14.19 -14.81
C ASN A 356 15.87 12.71 -14.62
N ARG A 357 17.10 12.33 -15.00
CA ARG A 357 17.60 10.97 -14.68
C ARG A 357 17.50 10.75 -13.16
N ARG A 358 17.97 11.73 -12.39
CA ARG A 358 17.84 11.73 -10.92
C ARG A 358 17.36 13.11 -10.48
N ALA A 359 16.35 13.15 -9.57
CA ALA A 359 15.75 14.41 -9.11
C ALA A 359 16.71 15.17 -8.19
N TRP A 360 17.43 14.43 -7.35
CA TRP A 360 18.38 14.97 -6.38
C TRP A 360 19.79 14.43 -6.68
N VAL A 361 20.72 15.35 -6.85
CA VAL A 361 22.09 15.02 -7.15
C VAL A 361 23.01 15.79 -6.21
N ARG A 362 23.91 15.09 -5.53
CA ARG A 362 24.78 15.73 -4.57
C ARG A 362 23.94 16.60 -3.64
N ASN A 363 24.16 17.91 -3.55
CA ASN A 363 23.42 18.71 -2.58
C ASN A 363 22.38 19.58 -3.30
N CYS A 364 21.88 19.08 -4.43
CA CYS A 364 20.92 19.79 -5.26
C CYS A 364 19.67 18.93 -5.49
N VAL A 365 18.56 19.41 -4.95
CA VAL A 365 17.27 18.73 -5.01
C VAL A 365 16.39 19.52 -5.98
N SER A 366 15.92 18.90 -7.06
CA SER A 366 15.01 19.64 -7.98
C SER A 366 13.55 19.40 -7.56
N VAL A 367 12.75 20.43 -7.78
CA VAL A 367 11.32 20.46 -7.37
C VAL A 367 10.57 21.26 -8.46
N GLY A 368 9.36 20.82 -8.82
CA GLY A 368 8.60 21.53 -9.89
C GLY A 368 9.16 21.27 -11.27
N LEU A 369 9.06 22.24 -12.17
CA LEU A 369 9.38 21.95 -13.59
C LEU A 369 10.89 21.67 -13.73
N ALA A 370 11.72 22.15 -12.77
CA ALA A 370 13.13 21.85 -12.79
C ALA A 370 13.37 20.35 -12.63
N SER A 371 12.41 19.63 -12.06
CA SER A 371 12.49 18.18 -11.83
C SER A 371 11.85 17.38 -12.97
N CYS A 372 10.62 17.71 -13.32
CA CYS A 372 9.82 16.87 -14.22
C CYS A 372 8.52 17.61 -14.58
N PHE A 373 7.86 17.18 -15.63
CA PHE A 373 6.66 17.83 -16.07
C PHE A 373 5.91 16.94 -17.06
N VAL A 374 4.60 16.99 -16.89
CA VAL A 374 3.59 16.54 -17.87
C VAL A 374 2.59 17.67 -18.03
N GLU A 375 1.94 17.63 -19.19
CA GLU A 375 0.83 18.48 -19.46
C GLU A 375 -0.22 18.29 -18.36
N PRO A 376 -0.92 19.36 -18.00
CA PRO A 376 -1.88 19.38 -16.87
C PRO A 376 -3.21 18.67 -17.14
N LEU A 377 -3.17 17.54 -17.86
CA LEU A 377 -4.40 16.78 -18.24
C LEU A 377 -5.16 16.27 -16.99
N GLU A 378 -4.43 15.92 -15.93
CA GLU A 378 -5.02 15.42 -14.68
C GLU A 378 -4.42 16.21 -13.50
N SER A 379 -4.12 17.49 -13.68
CA SER A 379 -3.79 18.39 -12.55
C SER A 379 -2.58 17.91 -11.73
N SER A 380 -1.43 17.64 -12.38
CA SER A 380 -0.26 17.00 -11.70
C SER A 380 0.67 18.06 -11.08
N GLY A 381 0.62 19.29 -11.56
CA GLY A 381 1.67 20.30 -11.32
C GLY A 381 1.90 20.57 -9.84
N ILE A 382 0.87 21.04 -9.13
CA ILE A 382 1.06 21.36 -7.73
C ILE A 382 1.32 20.08 -6.92
N TYR A 383 0.64 19.00 -7.34
CA TYR A 383 0.77 17.72 -6.71
C TYR A 383 2.23 17.25 -6.77
N PHE A 384 2.89 17.38 -7.91
CA PHE A 384 4.32 16.96 -7.99
C PHE A 384 5.21 17.80 -7.06
N ILE A 385 4.91 19.08 -6.94
CA ILE A 385 5.65 19.96 -6.03
C ILE A 385 5.49 19.48 -4.59
N TYR A 386 4.26 19.34 -4.16
CA TYR A 386 3.93 18.94 -2.82
C TYR A 386 4.54 17.59 -2.50
N ALA A 387 4.35 16.62 -3.37
CA ALA A 387 4.91 15.28 -3.18
C ALA A 387 6.43 15.35 -2.99
N ALA A 388 7.12 16.14 -3.81
CA ALA A 388 8.59 16.25 -3.69
C ALA A 388 8.99 16.89 -2.35
N ILE A 389 8.30 17.94 -1.92
CA ILE A 389 8.73 18.59 -0.70
C ILE A 389 8.41 17.68 0.47
N HIS A 390 7.28 16.96 0.43
CA HIS A 390 6.97 15.97 1.49
C HIS A 390 8.11 14.95 1.59
N MET A 391 8.50 14.40 0.45
CA MET A 391 9.55 13.39 0.41
C MET A 391 10.88 14.01 0.80
N LEU A 392 11.15 15.28 0.46
CA LEU A 392 12.42 15.93 0.89
C LEU A 392 12.47 16.01 2.42
N ALA A 393 11.41 16.48 3.06
CA ALA A 393 11.40 16.51 4.52
C ALA A 393 11.63 15.10 5.11
N LYS A 394 11.08 14.09 4.45
CA LYS A 394 11.13 12.77 5.05
C LYS A 394 12.56 12.22 4.94
N HIS A 395 13.21 12.52 3.82
CA HIS A 395 14.56 12.06 3.56
C HIS A 395 15.56 13.20 3.87
N PHE A 396 15.22 14.14 4.76
CA PHE A 396 16.06 15.34 4.89
C PHE A 396 17.47 14.93 5.32
N PRO A 397 18.50 15.49 4.68
CA PRO A 397 19.83 14.99 5.00
C PRO A 397 20.57 15.84 6.04
N ASP A 398 21.76 15.36 6.38
CA ASP A 398 22.76 16.22 6.97
C ASP A 398 23.88 16.43 5.93
N LYS A 399 24.97 17.07 6.32
CA LYS A 399 25.98 17.49 5.40
C LYS A 399 26.75 16.29 4.82
N THR A 400 26.54 15.08 5.33
CA THR A 400 27.17 13.87 4.74
C THR A 400 26.39 13.40 3.50
N PHE A 401 25.17 13.91 3.28
CA PHE A 401 24.35 13.52 2.12
C PHE A 401 24.41 12.01 1.90
N ASP A 402 23.94 11.28 2.91
CA ASP A 402 23.89 9.83 2.80
C ASP A 402 23.27 9.44 1.44
N LYS A 403 24.03 8.68 0.66
CA LYS A 403 23.63 8.31 -0.68
C LYS A 403 22.32 7.49 -0.66
N VAL A 404 22.03 6.86 0.44
CA VAL A 404 20.78 6.07 0.51
C VAL A 404 19.58 7.01 0.64
N LEU A 405 19.70 8.09 1.41
CA LEU A 405 18.63 9.09 1.49
C LEU A 405 18.30 9.63 0.10
N VAL A 406 19.37 10.00 -0.62
CA VAL A 406 19.27 10.60 -1.96
C VAL A 406 18.58 9.64 -2.92
N ASP A 407 18.98 8.37 -2.87
CA ASP A 407 18.51 7.36 -3.76
C ASP A 407 17.05 7.04 -3.48
N ARG A 408 16.68 6.89 -2.22
CA ARG A 408 15.29 6.57 -1.90
C ARG A 408 14.36 7.75 -2.29
N PHE A 409 14.80 8.99 -2.10
CA PHE A 409 14.00 10.14 -2.59
C PHE A 409 13.80 10.04 -4.11
N ASN A 410 14.90 9.79 -4.85
CA ASN A 410 14.82 9.76 -6.31
C ASN A 410 13.86 8.67 -6.78
N ARG A 411 13.91 7.52 -6.09
CA ARG A 411 13.08 6.35 -6.42
C ARG A 411 11.61 6.73 -6.30
N GLU A 412 11.24 7.46 -5.22
CA GLU A 412 9.83 7.93 -5.07
C GLU A 412 9.42 8.91 -6.18
N ILE A 413 10.29 9.86 -6.53
CA ILE A 413 9.95 10.83 -7.55
C ILE A 413 9.80 10.14 -8.92
N GLU A 414 10.73 9.26 -9.28
CA GLU A 414 10.64 8.66 -10.60
C GLU A 414 9.40 7.76 -10.69
N GLU A 415 9.06 7.06 -9.60
CA GLU A 415 7.91 6.18 -9.58
C GLU A 415 6.62 7.02 -9.63
N MET A 416 6.59 8.10 -8.89
CA MET A 416 5.45 9.01 -8.95
C MET A 416 5.27 9.50 -10.39
N PHE A 417 6.34 9.93 -11.00
CA PHE A 417 6.26 10.56 -12.27
C PHE A 417 5.86 9.56 -13.36
N ASP A 418 6.58 8.45 -13.44
CA ASP A 418 6.30 7.50 -14.54
C ASP A 418 4.88 6.94 -14.43
N ASP A 419 4.41 6.73 -13.22
CA ASP A 419 3.03 6.27 -12.98
C ASP A 419 2.02 7.26 -13.62
N THR A 420 2.26 8.55 -13.44
CA THR A 420 1.33 9.56 -13.93
C THR A 420 1.47 9.71 -15.45
N ARG A 421 2.70 9.65 -15.95
CA ARG A 421 2.98 9.71 -17.36
C ARG A 421 2.15 8.60 -18.05
N ASP A 422 2.22 7.40 -17.50
CA ASP A 422 1.53 6.25 -18.08
C ASP A 422 0.01 6.46 -18.07
N PHE A 423 -0.54 6.90 -16.92
CA PHE A 423 -1.99 7.15 -16.80
C PHE A 423 -2.46 8.16 -17.87
N LEU A 424 -1.70 9.22 -18.02
CA LEU A 424 -1.97 10.22 -18.99
C LEU A 424 -1.87 9.61 -20.41
N GLN A 425 -0.87 8.80 -20.67
CA GLN A 425 -0.72 8.25 -22.00
C GLN A 425 -1.98 7.49 -22.40
N ALA A 426 -2.58 6.78 -21.43
CA ALA A 426 -3.77 5.95 -21.67
C ALA A 426 -4.97 6.78 -22.15
N HIS A 427 -5.09 8.03 -21.70
CA HIS A 427 -6.12 8.93 -22.19
C HIS A 427 -6.07 9.02 -23.72
N TYR A 428 -4.85 9.05 -24.25
CA TYR A 428 -4.69 9.27 -25.67
C TYR A 428 -4.70 7.93 -26.40
N TYR A 429 -3.99 6.97 -25.84
CA TYR A 429 -3.81 5.66 -26.46
C TYR A 429 -5.19 5.01 -26.73
N PHE A 430 -6.16 5.23 -25.82
CA PHE A 430 -7.46 4.56 -25.91
C PHE A 430 -8.54 5.51 -26.40
N SER A 431 -8.16 6.70 -26.86
CA SER A 431 -9.14 7.51 -27.60
C SER A 431 -9.51 6.83 -28.93
N PRO A 432 -10.81 6.69 -29.23
CA PRO A 432 -11.11 6.16 -30.57
C PRO A 432 -10.85 7.15 -31.72
N ARG A 433 -10.44 8.37 -31.44
CA ARG A 433 -10.36 9.38 -32.46
C ARG A 433 -9.24 9.04 -33.44
N VAL A 434 -9.54 9.19 -34.73
CA VAL A 434 -8.61 8.92 -35.80
C VAL A 434 -8.70 10.02 -36.86
N ASP A 435 -9.25 11.17 -36.54
CA ASP A 435 -9.66 12.14 -37.54
C ASP A 435 -8.52 13.11 -37.89
N THR A 436 -7.52 13.26 -37.02
CA THR A 436 -6.36 14.07 -37.38
C THR A 436 -5.08 13.28 -37.19
N PRO A 437 -3.97 13.76 -37.81
CA PRO A 437 -2.66 13.12 -37.68
C PRO A 437 -2.22 13.00 -36.21
N PHE A 438 -2.55 14.03 -35.46
CA PHE A 438 -2.27 14.02 -34.02
C PHE A 438 -2.94 12.82 -33.35
N TRP A 439 -4.26 12.77 -33.41
CA TRP A 439 -4.99 11.65 -32.75
C TRP A 439 -4.50 10.29 -33.25
N ARG A 440 -4.12 10.19 -34.52
CA ARG A 440 -3.55 8.92 -34.98
C ARG A 440 -2.12 8.72 -34.45
N ALA A 441 -1.32 9.76 -34.43
CA ALA A 441 0.08 9.58 -34.01
C ALA A 441 0.15 9.07 -32.56
N ASN A 442 -0.79 9.44 -31.66
CA ASN A 442 -0.72 8.93 -30.30
C ASN A 442 -0.80 7.40 -30.28
N LYS A 443 -1.56 6.79 -31.19
CA LYS A 443 -1.76 5.35 -31.12
C LYS A 443 -0.61 4.59 -31.80
N GLU A 444 0.41 5.26 -32.34
CA GLU A 444 1.62 4.56 -32.88
C GLU A 444 2.70 4.49 -31.78
N LEU A 445 2.49 5.24 -30.70
CA LEU A 445 3.36 5.20 -29.55
C LEU A 445 3.14 3.88 -28.82
N LYS A 446 4.14 3.47 -28.06
CA LYS A 446 4.06 2.26 -27.26
C LYS A 446 3.69 2.63 -25.81
N LEU A 447 2.89 1.77 -25.20
CA LEU A 447 2.60 1.84 -23.78
C LEU A 447 3.74 1.20 -23.01
N ALA A 448 4.17 1.86 -21.93
CA ALA A 448 5.18 1.30 -21.05
C ALA A 448 4.65 0.00 -20.43
N ASP A 449 5.57 -0.86 -20.03
CA ASP A 449 5.24 -2.20 -19.51
C ASP A 449 4.27 -2.13 -18.32
N SER A 450 4.48 -1.16 -17.41
CA SER A 450 3.67 -1.10 -16.23
C SER A 450 2.19 -0.89 -16.59
N ILE A 451 1.89 0.08 -17.46
CA ILE A 451 0.48 0.37 -17.79
C ILE A 451 -0.07 -0.75 -18.70
N LYS A 452 0.77 -1.37 -19.54
CA LYS A 452 0.25 -2.47 -20.39
C LYS A 452 -0.27 -3.58 -19.48
N ASP A 453 0.53 -3.87 -18.47
CA ASP A 453 0.19 -4.90 -17.48
C ASP A 453 -1.15 -4.58 -16.79
N LYS A 454 -1.36 -3.31 -16.41
CA LYS A 454 -2.63 -2.89 -15.80
C LYS A 454 -3.78 -3.08 -16.80
N VAL A 455 -3.59 -2.69 -18.05
CA VAL A 455 -4.64 -2.84 -19.04
C VAL A 455 -5.00 -4.33 -19.12
N GLU A 456 -4.02 -5.22 -19.13
CA GLU A 456 -4.28 -6.67 -19.22
C GLU A 456 -5.09 -7.12 -17.99
N THR A 457 -4.72 -6.62 -16.81
CA THR A 457 -5.48 -6.92 -15.54
C THR A 457 -6.93 -6.45 -15.71
N TYR A 458 -7.08 -5.20 -16.16
CA TYR A 458 -8.41 -4.58 -16.37
C TYR A 458 -9.24 -5.38 -17.36
N ARG A 459 -8.62 -5.80 -18.47
CA ARG A 459 -9.35 -6.46 -19.53
C ARG A 459 -9.80 -7.86 -19.08
N ALA A 460 -9.17 -8.39 -18.05
CA ALA A 460 -9.56 -9.68 -17.49
C ALA A 460 -10.73 -9.51 -16.52
N GLY A 461 -11.07 -8.25 -16.20
CA GLY A 461 -12.18 -7.93 -15.29
C GLY A 461 -11.75 -7.78 -13.85
N LEU A 462 -10.44 -7.87 -13.59
CA LEU A 462 -9.91 -7.74 -12.26
C LEU A 462 -9.76 -6.25 -11.89
N PRO A 463 -9.79 -5.93 -10.59
CA PRO A 463 -9.48 -4.58 -10.14
C PRO A 463 -8.05 -4.15 -10.50
N VAL A 464 -7.86 -2.85 -10.69
CA VAL A 464 -6.54 -2.26 -10.85
C VAL A 464 -6.30 -1.33 -9.65
N ASN A 465 -5.24 -1.52 -8.89
CA ASN A 465 -4.92 -0.64 -7.79
C ASN A 465 -6.14 -0.49 -6.87
N LEU A 466 -6.63 -1.61 -6.38
CA LEU A 466 -7.77 -1.65 -5.50
C LEU A 466 -7.52 -0.74 -4.29
N PRO A 467 -8.43 0.20 -3.99
CA PRO A 467 -8.39 0.95 -2.75
C PRO A 467 -8.42 0.00 -1.53
N VAL A 468 -7.52 0.15 -0.58
CA VAL A 468 -7.52 -0.73 0.63
C VAL A 468 -7.79 0.13 1.88
N THR A 469 -7.99 1.43 1.73
CA THR A 469 -8.31 2.34 2.82
C THR A 469 -9.65 3.05 2.56
N ASP A 470 -10.36 3.43 3.62
CA ASP A 470 -11.53 4.34 3.49
C ASP A 470 -11.00 5.75 3.15
N GLU A 471 -11.88 6.67 2.80
CA GLU A 471 -11.44 8.01 2.32
C GLU A 471 -10.81 8.79 3.48
N GLY A 472 -11.32 8.61 4.70
CA GLY A 472 -10.75 9.33 5.87
C GLY A 472 -9.25 9.14 5.95
N THR A 473 -8.81 7.91 5.93
CA THR A 473 -7.38 7.57 5.95
C THR A 473 -6.69 8.01 4.65
N TYR A 474 -7.30 7.72 3.51
CA TYR A 474 -6.70 7.97 2.20
C TYR A 474 -6.37 9.46 2.06
N TYR A 475 -7.29 10.32 2.47
CA TYR A 475 -7.11 11.78 2.35
C TYR A 475 -6.48 12.40 3.62
N GLY A 476 -6.49 11.66 4.73
CA GLY A 476 -5.92 12.12 6.02
C GLY A 476 -4.41 11.86 6.11
N ASN A 477 -3.94 10.84 5.40
CA ASN A 477 -2.51 10.48 5.47
C ASN A 477 -1.90 10.44 4.06
N PHE A 478 -1.11 11.47 3.73
CA PHE A 478 -0.51 11.57 2.41
C PHE A 478 0.14 10.24 1.99
N GLU A 479 0.77 9.50 2.89
CA GLU A 479 1.54 8.34 2.45
C GLU A 479 0.56 7.25 2.00
N ALA A 480 -0.67 7.24 2.54
CA ALA A 480 -1.66 6.28 2.08
C ALA A 480 -2.00 6.55 0.61
N GLU A 481 -2.25 7.81 0.30
CA GLU A 481 -2.63 8.13 -1.03
C GLU A 481 -1.43 7.99 -1.98
N PHE A 482 -0.24 8.40 -1.53
CA PHE A 482 0.96 8.30 -2.38
C PHE A 482 1.23 6.85 -2.83
N ARG A 483 0.95 5.87 -1.97
CA ARG A 483 1.14 4.45 -2.31
C ARG A 483 0.12 3.96 -3.35
N ASN A 484 -0.98 4.69 -3.54
CA ASN A 484 -2.06 4.27 -4.44
C ASN A 484 -2.77 5.51 -5.03
N PHE A 485 -2.02 6.31 -5.80
CA PHE A 485 -2.53 7.61 -6.21
C PHE A 485 -3.65 7.44 -7.25
N TRP A 486 -3.43 6.60 -8.26
CA TRP A 486 -4.46 6.28 -9.23
C TRP A 486 -5.14 4.96 -8.87
N THR A 487 -6.33 5.02 -8.32
CA THR A 487 -6.99 3.80 -7.84
C THR A 487 -7.84 3.25 -8.98
N ASN A 488 -8.33 2.03 -8.72
CA ASN A 488 -9.21 1.28 -9.60
C ASN A 488 -10.26 2.21 -10.21
N GLY A 489 -10.81 3.07 -9.38
CA GLY A 489 -11.92 3.95 -9.81
C GLY A 489 -11.46 4.92 -10.88
N SER A 490 -10.28 5.48 -10.70
CA SER A 490 -9.68 6.34 -11.72
C SER A 490 -9.47 5.59 -13.04
N TYR A 491 -8.94 4.36 -13.01
CA TYR A 491 -8.74 3.61 -14.25
C TYR A 491 -10.08 3.35 -14.96
N TYR A 492 -11.14 3.05 -14.22
CA TYR A 492 -12.45 2.86 -14.80
C TYR A 492 -12.96 4.17 -15.44
N CYS A 493 -12.75 5.31 -14.76
CA CYS A 493 -13.27 6.58 -15.29
C CYS A 493 -12.70 6.83 -16.69
N ILE A 494 -11.41 6.57 -16.88
CA ILE A 494 -10.75 6.92 -18.14
C ILE A 494 -10.99 5.80 -19.18
N PHE A 495 -10.75 4.54 -18.78
CA PHE A 495 -10.92 3.41 -19.70
C PHE A 495 -12.37 3.31 -20.14
N ALA A 496 -13.29 3.17 -19.18
CA ALA A 496 -14.72 3.04 -19.50
C ALA A 496 -15.23 4.33 -20.13
N GLY A 497 -14.73 5.48 -19.69
CA GLY A 497 -15.19 6.72 -20.30
C GLY A 497 -14.85 6.82 -21.78
N LEU A 498 -13.70 6.27 -22.14
CA LEU A 498 -13.27 6.33 -23.53
C LEU A 498 -13.83 5.17 -24.35
N GLY A 499 -14.30 4.16 -23.62
CA GLY A 499 -14.97 3.02 -24.22
C GLY A 499 -14.14 1.76 -24.17
N LEU A 500 -13.06 1.70 -23.39
CA LEU A 500 -12.34 0.46 -23.26
C LEU A 500 -12.97 -0.33 -22.11
N MET A 501 -13.45 -1.54 -22.42
CA MET A 501 -14.20 -2.37 -21.48
C MET A 501 -13.43 -3.66 -21.16
N PRO A 502 -13.73 -4.26 -20.01
CA PRO A 502 -13.18 -5.59 -19.82
C PRO A 502 -13.64 -6.55 -20.92
N ARG A 503 -12.91 -7.62 -21.17
CA ARG A 503 -13.28 -8.62 -22.17
C ARG A 503 -14.55 -9.34 -21.71
N ASN A 504 -14.73 -9.49 -20.40
CA ASN A 504 -15.89 -10.17 -19.83
C ASN A 504 -16.04 -9.73 -18.37
N PRO A 505 -17.22 -9.95 -17.77
CA PRO A 505 -17.32 -9.59 -16.35
C PRO A 505 -16.26 -10.30 -15.47
N LEU A 506 -16.02 -9.75 -14.28
CA LEU A 506 -15.25 -10.44 -13.24
C LEU A 506 -15.87 -11.83 -13.04
N PRO A 507 -15.08 -12.90 -13.18
CA PRO A 507 -15.80 -14.20 -13.25
C PRO A 507 -16.37 -14.64 -11.89
N ALA A 508 -15.79 -14.16 -10.80
CA ALA A 508 -16.31 -14.47 -9.46
C ALA A 508 -17.78 -14.03 -9.32
N LEU A 509 -18.19 -13.01 -10.06
CA LEU A 509 -19.52 -12.47 -9.91
C LEU A 509 -20.55 -13.50 -10.36
N ALA A 510 -20.14 -14.46 -11.19
CA ALA A 510 -21.09 -15.48 -11.67
C ALA A 510 -21.55 -16.39 -10.52
N TYR A 511 -20.84 -16.35 -9.39
CA TYR A 511 -21.10 -17.25 -8.30
C TYR A 511 -21.68 -16.50 -7.10
N LYS A 512 -22.05 -15.22 -7.25
CA LYS A 512 -22.30 -14.40 -6.09
C LYS A 512 -23.62 -13.63 -6.22
N PRO A 513 -24.75 -14.35 -6.43
CA PRO A 513 -26.00 -13.64 -6.66
C PRO A 513 -26.34 -12.71 -5.48
N GLN A 514 -25.95 -13.04 -4.24
CA GLN A 514 -26.28 -12.20 -3.07
C GLN A 514 -25.46 -10.91 -3.06
N SER A 515 -24.23 -10.97 -3.58
CA SER A 515 -23.36 -9.85 -3.67
C SER A 515 -23.87 -8.89 -4.74
N ILE A 516 -24.28 -9.43 -5.89
CA ILE A 516 -24.90 -8.62 -6.96
C ILE A 516 -26.09 -7.84 -6.39
N ALA A 517 -26.88 -8.47 -5.52
CA ALA A 517 -28.08 -7.84 -4.94
C ALA A 517 -27.64 -6.73 -4.00
N GLU A 518 -26.56 -6.90 -3.27
CA GLU A 518 -26.08 -5.81 -2.40
C GLU A 518 -25.65 -4.60 -3.24
N ALA A 519 -24.99 -4.90 -4.35
CA ALA A 519 -24.49 -3.84 -5.21
C ALA A 519 -25.67 -3.02 -5.75
N GLU A 520 -26.81 -3.67 -6.02
CA GLU A 520 -28.03 -3.00 -6.48
C GLU A 520 -28.41 -1.92 -5.46
N LEU A 521 -28.28 -2.21 -4.17
CA LEU A 521 -28.49 -1.23 -3.10
C LEU A 521 -27.48 -0.09 -3.20
N LEU A 522 -26.24 -0.40 -3.59
CA LEU A 522 -25.20 0.62 -3.71
C LEU A 522 -25.54 1.56 -4.88
N PHE A 523 -26.02 1.00 -5.99
CA PHE A 523 -26.43 1.82 -7.17
C PHE A 523 -27.60 2.72 -6.78
N ALA A 524 -28.48 2.20 -5.92
CA ALA A 524 -29.59 2.97 -5.39
C ALA A 524 -29.12 4.12 -4.53
N ASP A 525 -28.15 3.85 -3.67
CA ASP A 525 -27.50 4.86 -2.83
C ASP A 525 -26.96 6.03 -3.67
N VAL A 526 -26.25 5.69 -4.71
CA VAL A 526 -25.67 6.72 -5.56
C VAL A 526 -26.79 7.59 -6.13
N LYS A 527 -27.84 6.96 -6.65
CA LYS A 527 -28.98 7.70 -7.20
C LYS A 527 -29.65 8.59 -6.14
N ARG A 528 -29.78 8.05 -4.91
CA ARG A 528 -30.44 8.80 -3.84
C ARG A 528 -29.56 9.99 -3.45
N LYS A 529 -28.27 9.78 -3.36
CA LYS A 529 -27.44 10.88 -2.94
C LYS A 529 -27.49 11.94 -4.04
N GLY A 530 -27.44 11.52 -5.31
CA GLY A 530 -27.47 12.48 -6.42
C GLY A 530 -28.78 13.24 -6.46
N ASP A 531 -29.90 12.56 -6.27
CA ASP A 531 -31.22 13.18 -6.27
C ASP A 531 -31.32 14.20 -5.13
N THR A 532 -30.93 13.80 -3.93
CA THR A 532 -31.23 14.63 -2.77
C THR A 532 -30.26 15.83 -2.71
N LEU A 533 -29.00 15.63 -3.05
CA LEU A 533 -28.00 16.72 -2.99
C LEU A 533 -28.22 17.74 -4.11
N VAL A 534 -28.63 17.29 -5.29
CA VAL A 534 -28.97 18.27 -6.34
C VAL A 534 -30.15 19.14 -5.87
N GLU A 535 -31.08 18.58 -5.10
CA GLU A 535 -32.24 19.37 -4.64
C GLU A 535 -31.81 20.33 -3.53
N SER A 536 -30.88 19.94 -2.65
CA SER A 536 -30.63 20.68 -1.40
C SER A 536 -29.40 21.59 -1.44
N LEU A 537 -28.44 21.33 -2.32
CA LEU A 537 -27.17 22.09 -2.32
C LEU A 537 -27.38 23.47 -2.97
N PRO A 538 -26.51 24.42 -2.66
CA PRO A 538 -26.55 25.68 -3.39
C PRO A 538 -25.73 25.59 -4.68
N SER A 539 -25.97 26.48 -5.62
CA SER A 539 -25.09 26.56 -6.76
C SER A 539 -23.65 26.83 -6.31
N THR A 540 -22.71 26.40 -7.13
CA THR A 540 -21.28 26.73 -6.98
C THR A 540 -21.13 28.26 -6.96
N TYR A 541 -21.83 28.93 -7.86
CA TYR A 541 -21.80 30.36 -7.95
C TYR A 541 -22.16 31.00 -6.61
N ASP A 542 -23.32 30.62 -6.06
CA ASP A 542 -23.83 31.17 -4.81
C ASP A 542 -22.88 30.86 -3.64
N LEU A 543 -22.30 29.68 -3.58
CA LEU A 543 -21.37 29.43 -2.52
C LEU A 543 -20.11 30.29 -2.71
N LEU A 544 -19.62 30.41 -3.94
CA LEU A 544 -18.47 31.29 -4.18
C LEU A 544 -18.78 32.74 -3.75
N ARG A 545 -19.95 33.23 -4.08
CA ARG A 545 -20.31 34.64 -3.76
C ARG A 545 -20.36 34.83 -2.25
N GLN A 546 -20.74 33.80 -1.53
CA GLN A 546 -20.73 33.86 -0.08
C GLN A 546 -19.29 33.78 0.44
N LEU A 547 -18.50 32.81 -0.04
CA LEU A 547 -17.12 32.65 0.42
C LEU A 547 -16.33 33.95 0.21
N HIS A 548 -16.34 34.48 -1.02
CA HIS A 548 -15.49 35.59 -1.40
C HIS A 548 -16.11 36.94 -1.00
N GLY A 549 -17.36 36.94 -0.51
CA GLY A 549 -18.04 38.15 -0.02
C GLY A 549 -18.56 39.05 -1.14
N ALA A 550 -18.76 38.52 -2.35
CA ALA A 550 -18.99 39.34 -3.56
C ALA A 550 -20.26 40.19 -3.40
N SER A 551 -20.23 41.40 -4.00
CA SER A 551 -21.27 42.43 -3.81
C SER A 551 -22.50 42.14 -4.68
N ASP B 22 -23.82 -20.21 -18.80
CA ASP B 22 -23.16 -20.88 -17.64
C ASP B 22 -21.98 -21.71 -18.15
N ASN B 23 -20.79 -21.10 -18.14
CA ASN B 23 -19.55 -21.83 -18.30
C ASN B 23 -18.80 -21.83 -16.97
N ARG B 24 -19.55 -21.71 -15.87
CA ARG B 24 -18.97 -21.67 -14.54
C ARG B 24 -18.47 -23.05 -14.13
N ILE B 25 -17.48 -23.03 -13.26
CA ILE B 25 -17.15 -24.16 -12.41
C ILE B 25 -18.44 -24.67 -11.75
N LYS B 26 -18.64 -25.99 -11.76
CA LYS B 26 -19.83 -26.60 -11.17
C LYS B 26 -19.44 -27.45 -9.96
N THR B 27 -18.29 -28.10 -10.02
CA THR B 27 -17.79 -28.86 -8.89
C THR B 27 -16.35 -28.47 -8.58
N VAL B 28 -16.04 -28.31 -7.31
CA VAL B 28 -14.66 -28.13 -6.85
C VAL B 28 -14.26 -29.37 -6.04
N VAL B 29 -13.16 -30.00 -6.41
CA VAL B 29 -12.68 -31.14 -5.62
C VAL B 29 -11.41 -30.77 -4.84
N ILE B 30 -11.43 -30.95 -3.53
CA ILE B 30 -10.34 -30.59 -2.66
C ILE B 30 -9.69 -31.89 -2.18
N LEU B 31 -8.43 -32.09 -2.53
CA LEU B 31 -7.71 -33.28 -2.08
C LEU B 31 -6.99 -32.99 -0.78
N GLY B 32 -7.41 -33.66 0.27
CA GLY B 32 -6.78 -33.47 1.56
C GLY B 32 -7.70 -32.73 2.53
N GLY B 33 -7.63 -33.18 3.77
CA GLY B 33 -8.31 -32.52 4.88
C GLY B 33 -7.37 -31.61 5.64
N GLY B 34 -7.42 -31.71 6.96
CA GLY B 34 -6.61 -30.86 7.83
C GLY B 34 -6.99 -29.41 7.63
N THR B 35 -6.14 -28.54 8.14
CA THR B 35 -6.44 -27.11 8.11
C THR B 35 -6.55 -26.66 6.66
N ALA B 36 -5.61 -27.04 5.79
CA ALA B 36 -5.66 -26.47 4.45
C ALA B 36 -7.00 -26.85 3.78
N GLY B 37 -7.34 -28.12 3.83
CA GLY B 37 -8.50 -28.61 3.08
C GLY B 37 -9.81 -28.06 3.63
N TRP B 38 -9.95 -28.03 4.95
CA TRP B 38 -11.22 -27.67 5.56
C TRP B 38 -11.36 -26.15 5.62
N MET B 39 -10.28 -25.42 5.81
CA MET B 39 -10.37 -23.96 5.64
C MET B 39 -10.76 -23.67 4.18
N THR B 40 -10.14 -24.33 3.22
CA THR B 40 -10.52 -24.06 1.81
C THR B 40 -12.01 -24.35 1.63
N ALA B 41 -12.43 -25.47 2.16
CA ALA B 41 -13.77 -25.94 1.90
C ALA B 41 -14.79 -24.98 2.54
N ALA B 42 -14.52 -24.54 3.76
CA ALA B 42 -15.49 -23.70 4.47
C ALA B 42 -15.56 -22.31 3.82
N TYR B 43 -14.38 -21.80 3.42
CA TYR B 43 -14.25 -20.50 2.78
C TYR B 43 -14.97 -20.47 1.43
N LEU B 44 -14.69 -21.43 0.55
CA LEU B 44 -15.36 -21.42 -0.73
C LEU B 44 -16.87 -21.66 -0.57
N GLY B 45 -17.26 -22.46 0.43
CA GLY B 45 -18.70 -22.63 0.77
C GLY B 45 -19.40 -21.29 0.96
N LYS B 46 -18.79 -20.38 1.68
CA LYS B 46 -19.35 -19.07 1.91
C LYS B 46 -19.21 -18.19 0.65
N ALA B 47 -17.99 -18.10 0.12
CA ALA B 47 -17.68 -17.19 -0.98
C ALA B 47 -18.51 -17.51 -2.22
N LEU B 48 -18.77 -18.79 -2.50
CA LEU B 48 -19.46 -19.19 -3.77
C LEU B 48 -20.97 -19.40 -3.56
N GLN B 49 -21.46 -19.10 -2.36
CA GLN B 49 -22.90 -18.91 -2.08
C GLN B 49 -23.71 -20.14 -2.56
N ASN B 50 -23.20 -21.35 -2.34
CA ASN B 50 -23.90 -22.63 -2.66
C ASN B 50 -24.18 -22.75 -4.18
N THR B 51 -23.47 -22.03 -5.03
CA THR B 51 -23.69 -22.16 -6.48
C THR B 51 -22.77 -23.25 -7.06
N VAL B 52 -21.86 -23.76 -6.23
CA VAL B 52 -20.92 -24.80 -6.66
C VAL B 52 -20.98 -25.99 -5.69
N LYS B 53 -20.87 -27.19 -6.23
CA LYS B 53 -20.75 -28.39 -5.40
C LYS B 53 -19.31 -28.54 -4.92
N ILE B 54 -19.09 -28.69 -3.61
CA ILE B 54 -17.74 -28.83 -3.02
C ILE B 54 -17.55 -30.22 -2.40
N VAL B 55 -16.40 -30.84 -2.72
CA VAL B 55 -16.05 -32.22 -2.34
C VAL B 55 -14.67 -32.21 -1.67
N VAL B 56 -14.58 -32.84 -0.52
CA VAL B 56 -13.32 -33.01 0.14
C VAL B 56 -13.06 -34.51 0.26
N LEU B 57 -11.93 -34.91 -0.30
CA LEU B 57 -11.48 -36.28 -0.29
C LEU B 57 -10.34 -36.39 0.72
N GLU B 58 -10.65 -36.99 1.86
CA GLU B 58 -9.72 -37.08 2.98
C GLU B 58 -9.58 -38.54 3.42
N ALA B 59 -8.40 -39.11 3.25
CA ALA B 59 -8.11 -40.45 3.79
C ALA B 59 -8.29 -40.43 5.31
N PRO B 60 -8.80 -41.54 5.90
CA PRO B 60 -8.96 -41.60 7.38
C PRO B 60 -7.59 -41.51 8.09
N THR B 61 -7.46 -40.79 9.21
CA THR B 61 -6.10 -40.43 9.68
C THR B 61 -6.03 -40.15 11.19
N ILE B 62 -4.86 -40.51 11.77
CA ILE B 62 -4.57 -40.27 13.20
C ILE B 62 -3.57 -39.10 13.29
N PRO B 63 -3.87 -38.10 14.16
CA PRO B 63 -2.91 -37.02 14.43
C PRO B 63 -1.65 -37.55 15.12
N ARG B 64 -0.50 -36.99 14.80
CA ARG B 64 0.75 -37.59 15.27
C ARG B 64 0.92 -37.29 16.78
N ILE B 65 0.94 -36.02 17.12
CA ILE B 65 1.28 -35.62 18.49
C ILE B 65 -0.02 -35.27 19.22
N GLY B 66 0.15 -34.74 20.43
CA GLY B 66 -0.59 -33.57 20.87
C GLY B 66 0.23 -32.30 20.61
N VAL B 67 0.02 -31.61 19.49
CA VAL B 67 0.89 -30.49 19.19
C VAL B 67 0.03 -29.23 19.05
N GLY B 68 0.70 -28.09 18.82
CA GLY B 68 0.09 -26.80 18.72
C GLY B 68 0.64 -25.97 17.56
N GLU B 69 -0.15 -24.97 17.20
CA GLU B 69 0.13 -24.15 16.06
C GLU B 69 -0.22 -22.72 16.43
N ALA B 70 0.50 -21.76 15.83
CA ALA B 70 0.28 -20.33 16.11
C ALA B 70 -0.28 -19.62 14.88
N THR B 71 -0.91 -18.47 15.12
CA THR B 71 -1.64 -17.77 14.11
C THR B 71 -1.31 -16.28 14.21
N VAL B 72 -1.96 -15.49 13.36
CA VAL B 72 -1.81 -14.05 13.40
C VAL B 72 -3.19 -13.43 13.64
N PRO B 73 -3.20 -12.18 14.10
CA PRO B 73 -4.41 -11.42 14.53
C PRO B 73 -5.57 -11.42 13.52
N ASN B 74 -5.30 -11.37 12.23
CA ASN B 74 -6.38 -11.25 11.24
C ASN B 74 -7.27 -12.51 11.23
N LEU B 75 -6.89 -13.63 11.84
CA LEU B 75 -7.60 -14.87 11.55
C LEU B 75 -9.09 -14.81 11.93
N GLN B 76 -9.40 -14.24 13.09
CA GLN B 76 -10.79 -14.18 13.51
C GLN B 76 -11.59 -13.36 12.50
N ARG B 77 -11.07 -12.21 12.11
CA ARG B 77 -11.89 -11.25 11.33
C ARG B 77 -12.01 -11.69 9.86
N ALA B 78 -10.90 -12.12 9.26
CA ALA B 78 -10.89 -12.48 7.85
C ALA B 78 -11.49 -13.87 7.62
N PHE B 79 -11.41 -14.77 8.59
CA PHE B 79 -11.78 -16.16 8.35
C PHE B 79 -13.02 -16.52 9.19
N PHE B 80 -12.88 -16.55 10.51
CA PHE B 80 -13.98 -17.08 11.36
C PHE B 80 -15.19 -16.12 11.33
N ASP B 81 -14.97 -14.83 11.43
CA ASP B 81 -16.10 -13.88 11.38
C ASP B 81 -16.80 -13.94 10.02
N TYR B 82 -16.02 -14.12 8.97
CA TYR B 82 -16.54 -14.25 7.63
C TYR B 82 -17.52 -15.43 7.51
N LEU B 83 -17.22 -16.53 8.22
CA LEU B 83 -18.08 -17.71 8.24
C LEU B 83 -19.18 -17.57 9.30
N GLY B 84 -19.21 -16.49 10.07
CA GLY B 84 -20.19 -16.33 11.15
C GLY B 84 -19.84 -17.17 12.37
N ILE B 85 -18.56 -17.48 12.60
CA ILE B 85 -18.16 -18.39 13.69
C ILE B 85 -17.59 -17.53 14.83
N PRO B 86 -18.33 -17.49 15.99
CA PRO B 86 -17.81 -16.68 17.11
C PRO B 86 -16.51 -17.25 17.71
N GLU B 87 -15.61 -16.34 18.11
CA GLU B 87 -14.25 -16.65 18.56
C GLU B 87 -14.29 -17.70 19.69
N GLU B 88 -15.09 -17.48 20.72
CA GLU B 88 -15.02 -18.32 21.91
C GLU B 88 -15.53 -19.74 21.56
N GLU B 89 -16.51 -19.82 20.66
CA GLU B 89 -17.07 -21.10 20.29
C GLU B 89 -15.97 -22.01 19.72
N TRP B 90 -15.22 -21.50 18.75
CA TRP B 90 -14.18 -22.33 18.14
C TRP B 90 -13.03 -22.51 19.13
N MET B 91 -12.68 -21.48 19.91
CA MET B 91 -11.59 -21.61 20.87
C MET B 91 -11.92 -22.74 21.87
N ARG B 92 -13.21 -22.90 22.23
CA ARG B 92 -13.59 -23.93 23.26
C ARG B 92 -13.44 -25.35 22.68
N GLU B 93 -13.55 -25.46 21.36
CA GLU B 93 -13.50 -26.76 20.69
C GLU B 93 -12.08 -27.14 20.29
N CYS B 94 -11.08 -26.28 20.46
CA CYS B 94 -9.70 -26.68 20.08
C CYS B 94 -8.66 -26.29 21.13
N ASN B 95 -9.10 -26.10 22.37
CA ASN B 95 -8.21 -25.81 23.50
C ASN B 95 -7.25 -24.66 23.14
N ALA B 96 -7.80 -23.62 22.53
CA ALA B 96 -7.02 -22.50 22.03
C ALA B 96 -6.52 -21.65 23.19
N SER B 97 -5.31 -21.14 23.05
CA SER B 97 -4.80 -20.12 23.94
C SER B 97 -4.50 -18.84 23.13
N TYR B 98 -3.90 -17.89 23.84
CA TYR B 98 -3.70 -16.51 23.39
C TYR B 98 -2.22 -16.25 23.09
N LYS B 99 -1.97 -15.46 22.04
CA LYS B 99 -0.61 -15.17 21.58
C LYS B 99 -0.47 -13.66 21.38
N MET B 100 0.53 -13.04 21.98
CA MET B 100 0.71 -11.60 21.78
C MET B 100 2.01 -11.31 21.02
N ALA B 101 2.81 -12.33 20.73
CA ALA B 101 4.08 -12.17 20.05
C ALA B 101 4.76 -13.51 19.85
N VAL B 102 5.81 -13.47 19.04
CA VAL B 102 6.90 -14.45 19.12
C VAL B 102 8.01 -13.87 20.00
N LYS B 103 8.39 -14.62 21.03
CA LYS B 103 9.46 -14.18 21.94
C LYS B 103 10.73 -14.97 21.62
N PHE B 104 11.81 -14.27 21.30
CA PHE B 104 13.06 -14.88 20.82
C PHE B 104 14.04 -15.00 21.99
N ILE B 105 14.60 -16.20 22.19
CA ILE B 105 15.38 -16.54 23.38
C ILE B 105 16.72 -17.16 22.97
N ASN B 106 17.80 -16.44 23.29
CA ASN B 106 19.19 -16.93 23.17
C ASN B 106 19.67 -16.88 21.71
N TRP B 107 19.06 -15.98 20.91
CA TRP B 107 19.40 -15.78 19.52
C TRP B 107 20.69 -14.96 19.37
N ARG B 108 21.19 -14.32 20.42
CA ARG B 108 22.38 -13.46 20.32
C ARG B 108 23.59 -14.08 21.04
N THR B 109 23.41 -15.15 21.80
CA THR B 109 24.47 -15.63 22.68
C THR B 109 24.73 -17.11 22.41
N PRO B 110 26.02 -17.54 22.58
CA PRO B 110 26.46 -18.90 22.29
C PRO B 110 26.02 -19.98 23.28
N GLY B 111 25.98 -21.22 22.77
CA GLY B 111 26.01 -22.39 23.59
C GLY B 111 24.76 -23.23 23.44
N GLU B 112 24.70 -24.24 24.29
CA GLU B 112 23.62 -25.25 24.30
C GLU B 112 22.30 -24.57 24.64
N GLY B 113 21.24 -25.08 24.01
CA GLY B 113 19.90 -24.58 24.20
C GLY B 113 19.50 -24.61 25.67
N SER B 114 18.78 -23.57 26.07
CA SER B 114 18.18 -23.51 27.38
C SER B 114 16.85 -22.76 27.26
N PRO B 115 15.85 -23.13 28.08
CA PRO B 115 14.60 -22.40 28.09
C PRO B 115 14.77 -21.06 28.82
N ASP B 116 15.88 -20.89 29.53
CA ASP B 116 16.11 -19.66 30.28
C ASP B 116 17.14 -18.79 29.55
N PRO B 117 16.89 -17.49 29.50
CA PRO B 117 17.79 -16.58 28.79
C PRO B 117 19.16 -16.37 29.46
N ARG B 118 20.19 -16.33 28.62
CA ARG B 118 21.52 -15.92 29.03
C ARG B 118 21.58 -14.39 29.19
N THR B 119 22.76 -13.87 29.54
CA THR B 119 22.88 -12.43 29.81
C THR B 119 23.78 -11.78 28.75
N LEU B 120 23.33 -10.64 28.21
CA LEU B 120 24.14 -9.86 27.28
C LEU B 120 25.14 -9.03 28.07
N ASP B 121 26.09 -8.40 27.39
CA ASP B 121 27.11 -7.60 28.08
C ASP B 121 26.41 -6.50 28.89
N ASP B 122 25.54 -5.72 28.24
CA ASP B 122 24.85 -4.59 28.89
C ASP B 122 24.05 -5.04 30.13
N GLY B 123 23.91 -6.34 30.38
CA GLY B 123 23.25 -6.84 31.62
C GLY B 123 21.81 -7.28 31.37
N HIS B 124 21.33 -7.15 30.14
CA HIS B 124 19.97 -7.56 29.73
C HIS B 124 19.94 -9.07 29.46
N THR B 125 18.80 -9.68 29.75
CA THR B 125 18.53 -11.03 29.31
C THR B 125 18.57 -11.06 27.78
N ASP B 126 19.04 -12.15 27.17
CA ASP B 126 19.02 -12.27 25.73
C ASP B 126 17.63 -12.73 25.30
N THR B 127 16.71 -11.77 25.29
CA THR B 127 15.36 -11.98 24.83
C THR B 127 14.93 -10.77 24.01
N PHE B 128 14.07 -10.97 23.03
CA PHE B 128 13.39 -9.84 22.37
C PHE B 128 12.04 -10.37 21.87
N HIS B 129 11.03 -9.50 21.93
CA HIS B 129 9.66 -9.79 21.50
C HIS B 129 9.38 -9.21 20.11
N HIS B 130 8.48 -9.87 19.41
CA HIS B 130 7.95 -9.44 18.09
C HIS B 130 6.42 -9.35 18.21
N PRO B 131 5.94 -8.25 18.78
CA PRO B 131 4.49 -8.24 19.01
C PRO B 131 3.70 -7.77 17.79
N PHE B 132 2.37 -7.75 17.93
CA PHE B 132 1.47 -7.27 16.90
C PHE B 132 1.16 -5.78 17.13
N GLY B 133 0.19 -5.28 16.39
CA GLY B 133 -0.17 -3.87 16.39
C GLY B 133 0.78 -3.07 15.51
N LEU B 134 0.48 -1.77 15.38
CA LEU B 134 1.32 -0.81 14.66
C LEU B 134 1.83 0.24 15.64
N LEU B 135 3.10 0.64 15.48
CA LEU B 135 3.69 1.67 16.32
C LEU B 135 3.03 3.00 15.99
N PRO B 136 2.82 3.83 17.01
CA PRO B 136 2.36 5.19 16.83
C PRO B 136 3.46 6.09 16.22
N SER B 137 3.05 7.19 15.59
CA SER B 137 4.00 8.11 14.98
C SER B 137 3.94 9.46 15.69
N ALA B 138 5.07 10.19 15.68
CA ALA B 138 5.05 11.66 15.91
C ALA B 138 5.62 12.37 14.69
N ASP B 139 4.93 13.37 14.15
CA ASP B 139 5.43 14.13 12.99
C ASP B 139 5.70 13.14 11.84
N GLN B 140 4.80 12.14 11.69
CA GLN B 140 4.85 11.12 10.66
C GLN B 140 6.05 10.17 10.82
N ILE B 141 6.75 10.24 11.94
CA ILE B 141 7.92 9.43 12.15
C ILE B 141 7.56 8.36 13.18
N PRO B 142 7.78 7.09 12.88
CA PRO B 142 7.38 6.08 13.88
C PRO B 142 8.22 6.09 15.16
N LEU B 143 7.61 5.62 16.27
CA LEU B 143 8.20 5.72 17.58
C LEU B 143 9.57 5.02 17.59
N SER B 144 9.68 3.95 16.81
CA SER B 144 10.93 3.19 16.65
C SER B 144 12.13 4.11 16.40
N HIS B 145 11.91 5.16 15.64
CA HIS B 145 12.97 5.99 15.13
C HIS B 145 13.46 6.95 16.22
N TYR B 146 12.52 7.42 17.04
CA TYR B 146 12.83 8.19 18.21
C TYR B 146 13.60 7.33 19.21
N TRP B 147 13.22 6.05 19.37
CA TRP B 147 13.96 5.15 20.26
C TRP B 147 15.39 4.90 19.73
N ALA B 148 15.55 4.63 18.43
CA ALA B 148 16.88 4.40 17.84
C ALA B 148 17.78 5.65 17.97
N ALA B 149 17.18 6.85 17.86
CA ALA B 149 17.93 8.09 18.02
C ALA B 149 18.62 8.12 19.39
N LYS B 150 17.81 7.96 20.42
CA LYS B 150 18.29 8.04 21.78
C LYS B 150 19.34 6.95 22.04
N ARG B 151 19.07 5.75 21.53
CA ARG B 151 19.93 4.61 21.72
C ARG B 151 21.28 4.90 21.04
N LEU B 152 21.27 5.47 19.85
CA LEU B 152 22.50 5.67 19.14
C LEU B 152 23.26 6.87 19.72
N GLN B 153 22.53 7.77 20.38
CA GLN B 153 23.13 8.97 20.97
C GLN B 153 23.42 8.74 22.47
N GLY B 154 23.26 7.49 22.92
CA GLY B 154 23.57 7.07 24.28
C GLY B 154 22.67 7.72 25.32
N GLU B 155 21.44 8.08 24.95
CA GLU B 155 20.49 8.75 25.88
C GLU B 155 19.52 7.72 26.49
N THR B 156 19.57 6.47 26.06
CA THR B 156 18.81 5.42 26.69
C THR B 156 19.59 4.10 26.60
N ASP B 157 19.38 3.24 27.57
CA ASP B 157 19.86 1.86 27.59
C ASP B 157 18.69 0.89 27.35
N GLU B 158 17.47 1.42 27.31
CA GLU B 158 16.30 0.58 27.26
C GLU B 158 16.21 -0.14 25.90
N ASN B 159 15.69 -1.35 25.91
CA ASN B 159 15.58 -2.16 24.68
C ASN B 159 14.34 -1.71 23.91
N PHE B 160 14.32 -2.05 22.63
CA PHE B 160 13.33 -1.51 21.72
C PHE B 160 11.94 -2.04 22.09
N ASP B 161 11.82 -3.33 22.39
CA ASP B 161 10.49 -3.94 22.63
C ASP B 161 9.85 -3.35 23.89
N GLU B 162 10.67 -3.16 24.93
CA GLU B 162 10.22 -2.62 26.21
C GLU B 162 9.83 -1.14 26.03
N ALA B 163 10.63 -0.40 25.25
CA ALA B 163 10.39 1.03 25.08
C ALA B 163 9.12 1.30 24.24
N CYS B 164 8.85 0.47 23.21
CA CYS B 164 7.89 0.87 22.13
C CYS B 164 6.58 0.06 22.15
N PHE B 165 6.50 -1.02 22.92
CA PHE B 165 5.31 -1.85 22.97
C PHE B 165 4.89 -2.09 24.42
N ALA B 166 3.71 -1.64 24.82
CA ALA B 166 3.24 -1.94 26.19
C ALA B 166 3.04 -3.46 26.37
N ASP B 167 2.70 -4.15 25.28
CA ASP B 167 2.43 -5.58 25.27
C ASP B 167 3.62 -6.37 25.82
N THR B 168 4.84 -5.82 25.72
CA THR B 168 6.05 -6.45 26.27
C THR B 168 5.88 -6.62 27.79
N ALA B 169 5.38 -5.57 28.46
CA ALA B 169 5.22 -5.60 29.92
C ALA B 169 4.13 -6.61 30.31
N ILE B 170 3.07 -6.66 29.52
CA ILE B 170 1.96 -7.62 29.74
C ILE B 170 2.51 -9.04 29.61
N MET B 171 3.33 -9.31 28.60
CA MET B 171 3.82 -10.68 28.36
C MET B 171 4.81 -11.13 29.46
N ASN B 172 5.72 -10.23 29.84
CA ASN B 172 6.68 -10.44 30.93
C ASN B 172 5.94 -10.87 32.22
N ALA B 173 4.77 -10.26 32.52
CA ALA B 173 3.91 -10.57 33.70
C ALA B 173 3.02 -11.80 33.46
N LYS B 174 2.96 -12.26 32.20
CA LYS B 174 2.14 -13.39 31.74
C LYS B 174 0.66 -13.04 31.79
N LYS B 175 0.33 -11.76 31.76
CA LYS B 175 -1.08 -11.33 31.82
C LYS B 175 -1.76 -11.60 30.47
N ALA B 176 -3.09 -11.66 30.51
CA ALA B 176 -3.92 -12.00 29.38
C ALA B 176 -4.13 -10.76 28.50
N PRO B 177 -4.53 -10.97 27.24
CA PRO B 177 -4.85 -9.86 26.32
C PRO B 177 -6.29 -9.37 26.50
N ARG B 178 -7.04 -10.03 27.38
CA ARG B 178 -8.43 -9.65 27.68
C ARG B 178 -8.64 -9.64 29.19
N PHE B 179 -9.50 -8.73 29.68
CA PHE B 179 -9.87 -8.74 31.10
C PHE B 179 -10.79 -9.96 31.37
N LEU B 180 -11.11 -10.22 32.66
CA LEU B 180 -12.00 -11.36 33.01
C LEU B 180 -13.41 -11.18 32.42
N ASP B 181 -13.82 -9.93 32.20
CA ASP B 181 -15.17 -9.65 31.66
C ASP B 181 -15.15 -9.73 30.13
N MET B 182 -14.05 -10.25 29.55
CA MET B 182 -13.86 -10.54 28.09
C MET B 182 -13.72 -9.26 27.24
N ARG B 183 -13.64 -8.13 27.92
CA ARG B 183 -13.31 -6.86 27.32
C ARG B 183 -11.89 -6.95 26.75
N ARG B 184 -11.67 -6.31 25.60
CA ARG B 184 -10.36 -6.37 24.92
C ARG B 184 -9.38 -5.38 25.55
N ALA B 185 -8.15 -5.83 25.83
CA ALA B 185 -7.09 -4.94 26.32
C ALA B 185 -6.13 -4.57 25.20
N THR B 186 -5.76 -5.53 24.35
CA THR B 186 -4.66 -5.37 23.38
C THR B 186 -4.85 -6.30 22.18
N ASN B 187 -3.97 -6.22 21.20
CA ASN B 187 -4.01 -7.10 20.03
C ASN B 187 -3.55 -8.50 20.39
N TYR B 188 -4.01 -9.51 19.68
CA TYR B 188 -3.54 -10.87 19.95
C TYR B 188 -4.00 -11.85 18.85
N ALA B 189 -3.40 -13.03 18.87
CA ALA B 189 -3.76 -14.12 17.96
C ALA B 189 -3.83 -15.42 18.78
N TRP B 190 -3.72 -16.60 18.14
CA TRP B 190 -4.15 -17.83 18.79
C TRP B 190 -3.04 -18.88 18.75
N HIS B 191 -3.01 -19.69 19.83
CA HIS B 191 -2.38 -21.00 19.79
C HIS B 191 -3.50 -22.02 19.68
N PHE B 192 -3.33 -23.05 18.87
CA PHE B 192 -4.30 -24.11 18.95
C PHE B 192 -3.74 -25.43 18.44
N ASP B 193 -4.53 -26.44 18.76
CA ASP B 193 -4.41 -27.78 18.24
C ASP B 193 -4.97 -27.78 16.81
N ALA B 194 -4.11 -27.93 15.80
CA ALA B 194 -4.52 -27.89 14.39
C ALA B 194 -5.50 -29.02 14.06
N SER B 195 -5.32 -30.20 14.65
CA SER B 195 -6.27 -31.31 14.46
C SER B 195 -7.69 -30.88 14.86
N LYS B 196 -7.83 -30.15 15.94
CA LYS B 196 -9.16 -29.82 16.44
C LYS B 196 -9.79 -28.75 15.57
N VAL B 197 -9.01 -27.76 15.07
CA VAL B 197 -9.58 -26.74 14.21
C VAL B 197 -10.07 -27.39 12.91
N ALA B 198 -9.27 -28.31 12.39
CA ALA B 198 -9.66 -29.03 11.16
C ALA B 198 -10.95 -29.80 11.39
N ALA B 199 -11.09 -30.43 12.57
CA ALA B 199 -12.30 -31.23 12.87
C ALA B 199 -13.50 -30.28 13.07
N PHE B 200 -13.27 -29.16 13.73
CA PHE B 200 -14.35 -28.18 13.92
C PHE B 200 -14.87 -27.67 12.56
N LEU B 201 -13.94 -27.34 11.67
CA LEU B 201 -14.28 -26.82 10.36
C LEU B 201 -14.89 -27.91 9.48
N ARG B 202 -14.41 -29.14 9.56
CA ARG B 202 -15.07 -30.24 8.84
C ARG B 202 -16.55 -30.33 9.26
N ASN B 203 -16.81 -30.29 10.56
CA ASN B 203 -18.18 -30.36 11.04
C ASN B 203 -18.97 -29.17 10.49
N PHE B 204 -18.40 -27.97 10.53
CA PHE B 204 -19.14 -26.77 10.08
C PHE B 204 -19.47 -26.90 8.59
N ALA B 205 -18.48 -27.34 7.80
CA ALA B 205 -18.61 -27.42 6.35
C ALA B 205 -19.69 -28.40 5.95
N VAL B 206 -19.66 -29.57 6.57
CA VAL B 206 -20.57 -30.66 6.25
C VAL B 206 -21.99 -30.31 6.75
N THR B 207 -22.13 -29.79 7.98
CA THR B 207 -23.49 -29.65 8.55
C THR B 207 -24.13 -28.31 8.19
N LYS B 208 -23.35 -27.25 7.95
CA LYS B 208 -23.93 -25.93 7.66
C LYS B 208 -23.77 -25.55 6.18
N GLN B 209 -22.88 -26.18 5.41
CA GLN B 209 -22.60 -25.66 4.07
C GLN B 209 -22.72 -26.73 2.97
N ALA B 210 -23.25 -27.90 3.26
CA ALA B 210 -23.53 -28.88 2.19
C ALA B 210 -22.24 -29.40 1.54
N VAL B 211 -21.14 -29.49 2.28
CA VAL B 211 -19.91 -30.05 1.70
C VAL B 211 -20.02 -31.58 1.75
N GLU B 212 -19.62 -32.20 0.63
CA GLU B 212 -19.51 -33.67 0.58
C GLU B 212 -18.13 -34.10 1.09
N HIS B 213 -18.14 -34.81 2.22
CA HIS B 213 -16.93 -35.37 2.79
C HIS B 213 -16.78 -36.83 2.31
N VAL B 214 -15.80 -37.08 1.46
CA VAL B 214 -15.56 -38.42 0.99
C VAL B 214 -14.37 -38.98 1.76
N GLU B 215 -14.66 -40.01 2.54
CA GLU B 215 -13.68 -40.59 3.42
C GLU B 215 -13.08 -41.79 2.70
N ASP B 216 -11.95 -41.54 2.03
CA ASP B 216 -11.31 -42.53 1.18
C ASP B 216 -9.95 -42.01 0.72
N GLU B 217 -9.15 -42.96 0.24
CA GLU B 217 -7.83 -42.72 -0.35
C GLU B 217 -8.00 -42.52 -1.85
N MET B 218 -7.19 -41.63 -2.42
CA MET B 218 -7.10 -41.43 -3.84
C MET B 218 -6.14 -42.47 -4.42
N THR B 219 -6.48 -43.02 -5.59
CA THR B 219 -5.63 -44.02 -6.19
C THR B 219 -5.19 -43.57 -7.59
N GLU B 220 -5.86 -42.62 -8.20
CA GLU B 220 -5.39 -42.18 -9.51
C GLU B 220 -5.90 -40.75 -9.78
N VAL B 221 -5.07 -39.97 -10.45
CA VAL B 221 -5.46 -38.64 -11.00
C VAL B 221 -5.74 -38.82 -12.51
N LEU B 222 -6.91 -38.47 -13.00
CA LEU B 222 -7.17 -38.58 -14.43
C LEU B 222 -7.05 -37.18 -15.01
N THR B 223 -6.36 -37.10 -16.14
CA THR B 223 -6.10 -35.86 -16.81
C THR B 223 -6.45 -36.05 -18.28
N ASP B 224 -6.98 -35.02 -18.91
CA ASP B 224 -7.25 -35.05 -20.34
C ASP B 224 -5.92 -34.84 -21.07
N GLU B 225 -6.00 -34.59 -22.38
CA GLU B 225 -4.82 -34.50 -23.22
C GLU B 225 -4.13 -33.14 -23.07
N ARG B 226 -4.89 -32.08 -22.78
CA ARG B 226 -4.32 -30.72 -22.58
C ARG B 226 -3.78 -30.59 -21.15
N GLY B 227 -3.90 -31.63 -20.33
CA GLY B 227 -3.25 -31.68 -19.03
C GLY B 227 -4.10 -31.10 -17.91
N PHE B 228 -5.41 -30.97 -18.15
CA PHE B 228 -6.38 -30.59 -17.12
C PHE B 228 -6.83 -31.84 -16.35
N ILE B 229 -6.92 -31.74 -15.02
CA ILE B 229 -7.42 -32.86 -14.23
C ILE B 229 -8.92 -33.02 -14.54
N THR B 230 -9.41 -34.26 -14.72
CA THR B 230 -10.84 -34.46 -14.94
C THR B 230 -11.48 -35.11 -13.70
N ALA B 231 -10.72 -35.97 -13.02
CA ALA B 231 -11.28 -36.60 -11.86
C ALA B 231 -10.17 -37.27 -11.06
N LEU B 232 -10.52 -37.56 -9.83
CA LEU B 232 -9.72 -38.35 -8.90
C LEU B 232 -10.41 -39.69 -8.69
N ARG B 233 -9.67 -40.78 -8.88
CA ARG B 233 -10.16 -42.12 -8.62
C ARG B 233 -9.93 -42.44 -7.15
N THR B 234 -10.86 -43.10 -6.49
CA THR B 234 -10.66 -43.51 -5.08
C THR B 234 -10.56 -45.04 -5.00
N LYS B 235 -9.97 -45.53 -3.92
CA LYS B 235 -9.74 -46.96 -3.70
C LYS B 235 -11.07 -47.73 -3.70
N SER B 236 -12.13 -47.11 -3.21
CA SER B 236 -13.44 -47.78 -3.14
C SER B 236 -14.03 -47.95 -4.55
N GLY B 237 -13.54 -47.18 -5.53
CA GLY B 237 -13.98 -47.32 -6.94
C GLY B 237 -14.67 -46.08 -7.48
N ARG B 238 -15.21 -45.24 -6.60
CA ARG B 238 -15.86 -43.99 -7.04
C ARG B 238 -14.86 -43.06 -7.76
N ILE B 239 -15.37 -42.40 -8.79
CA ILE B 239 -14.63 -41.42 -9.55
C ILE B 239 -15.26 -40.04 -9.29
N LEU B 240 -14.51 -39.17 -8.58
CA LEU B 240 -14.94 -37.81 -8.26
C LEU B 240 -14.55 -36.89 -9.42
N GLN B 241 -15.51 -36.61 -10.27
CA GLN B 241 -15.40 -35.63 -11.32
C GLN B 241 -15.25 -34.24 -10.69
N GLY B 242 -14.58 -33.35 -11.38
CA GLY B 242 -14.55 -31.96 -10.95
C GLY B 242 -14.10 -31.06 -12.09
N ASP B 243 -14.24 -29.76 -11.87
CA ASP B 243 -13.86 -28.74 -12.84
C ASP B 243 -12.63 -27.97 -12.37
N LEU B 244 -12.50 -27.81 -11.06
CA LEU B 244 -11.35 -27.18 -10.44
C LEU B 244 -10.91 -28.05 -9.25
N PHE B 245 -9.61 -28.19 -9.06
CA PHE B 245 -9.04 -29.05 -8.07
C PHE B 245 -8.06 -28.26 -7.20
N VAL B 246 -8.24 -28.38 -5.90
CA VAL B 246 -7.38 -27.75 -4.95
C VAL B 246 -6.52 -28.84 -4.30
N ASP B 247 -5.22 -28.70 -4.40
CA ASP B 247 -4.30 -29.64 -3.82
C ASP B 247 -3.98 -29.22 -2.39
N CYS B 248 -4.58 -29.90 -1.40
CA CYS B 248 -4.28 -29.73 0.02
C CYS B 248 -3.68 -31.01 0.62
N SER B 249 -2.91 -31.70 -0.19
CA SER B 249 -2.38 -33.03 0.13
C SER B 249 -1.06 -32.95 0.92
N GLY B 250 -0.47 -31.78 1.16
CA GLY B 250 0.80 -31.71 1.91
C GLY B 250 2.02 -31.68 1.02
N PHE B 251 3.19 -31.94 1.64
CA PHE B 251 4.52 -31.84 1.00
C PHE B 251 4.61 -32.73 -0.25
N ARG B 252 3.80 -33.79 -0.32
CA ARG B 252 3.83 -34.66 -1.50
C ARG B 252 3.29 -33.95 -2.76
N GLY B 253 2.43 -32.95 -2.63
CA GLY B 253 1.92 -32.28 -3.82
C GLY B 253 1.46 -33.28 -4.87
N LEU B 254 0.54 -34.14 -4.45
CA LEU B 254 0.02 -35.27 -5.26
C LEU B 254 -0.68 -34.77 -6.53
N LEU B 255 -1.23 -33.56 -6.55
CA LEU B 255 -1.79 -33.03 -7.81
C LEU B 255 -0.79 -32.06 -8.47
N ILE B 256 -0.37 -31.03 -7.74
CA ILE B 256 0.40 -29.93 -8.35
C ILE B 256 1.80 -30.42 -8.82
N ASN B 257 2.46 -31.27 -8.06
CA ASN B 257 3.79 -31.71 -8.41
C ASN B 257 3.73 -33.08 -9.10
N LYS B 258 3.13 -34.07 -8.44
CA LYS B 258 3.09 -35.47 -8.92
C LYS B 258 2.29 -35.55 -10.22
N ALA B 259 1.06 -35.02 -10.25
CA ALA B 259 0.22 -35.12 -11.46
C ALA B 259 0.54 -34.02 -12.47
N MET B 260 0.55 -32.74 -12.09
CA MET B 260 0.76 -31.64 -13.06
C MET B 260 2.26 -31.48 -13.43
N GLU B 261 3.15 -32.08 -12.65
CA GLU B 261 4.60 -32.02 -12.91
C GLU B 261 5.11 -30.56 -12.78
N GLU B 262 4.53 -29.79 -11.86
CA GLU B 262 5.06 -28.45 -11.62
C GLU B 262 6.35 -28.60 -10.81
N PRO B 263 7.44 -27.99 -11.24
CA PRO B 263 8.64 -28.03 -10.43
C PRO B 263 8.46 -27.31 -9.08
N PHE B 264 9.07 -27.88 -8.04
CA PHE B 264 9.22 -27.21 -6.75
C PHE B 264 10.58 -26.51 -6.73
N ILE B 265 10.61 -25.27 -6.23
CA ILE B 265 11.87 -24.54 -6.08
C ILE B 265 12.36 -24.70 -4.64
N ASP B 266 13.41 -25.50 -4.47
CA ASP B 266 14.02 -25.67 -3.18
C ASP B 266 14.79 -24.38 -2.84
N MET B 267 14.59 -23.91 -1.62
CA MET B 267 15.10 -22.61 -1.16
C MET B 267 15.98 -22.80 0.08
N SER B 268 16.70 -23.90 0.09
CA SER B 268 17.67 -24.16 1.14
C SER B 268 18.92 -23.29 0.95
N ASP B 269 19.00 -22.54 -0.15
CA ASP B 269 20.04 -21.54 -0.30
C ASP B 269 19.65 -20.25 0.44
N HIS B 270 18.49 -20.21 1.11
CA HIS B 270 18.08 -19.09 1.93
C HIS B 270 17.84 -19.52 3.38
N LEU B 271 17.29 -20.73 3.59
CA LEU B 271 16.97 -21.22 4.94
C LEU B 271 17.49 -22.66 5.06
N LEU B 272 18.27 -22.92 6.11
CA LEU B 272 19.01 -24.19 6.29
C LEU B 272 18.16 -25.24 7.02
N CYS B 273 17.19 -24.82 7.85
CA CYS B 273 16.40 -25.79 8.63
C CYS B 273 15.38 -26.51 7.75
N ASN B 274 15.31 -27.84 7.90
CA ASN B 274 14.60 -28.70 6.98
C ASN B 274 13.97 -29.89 7.72
N SER B 275 13.90 -29.86 9.04
CA SER B 275 13.56 -31.02 9.84
C SER B 275 12.97 -30.53 11.15
N ALA B 276 12.16 -31.34 11.82
CA ALA B 276 11.75 -31.00 13.17
C ALA B 276 11.47 -32.28 13.97
N VAL B 277 11.72 -32.22 15.27
CA VAL B 277 11.35 -33.30 16.20
C VAL B 277 10.47 -32.65 17.25
N ALA B 278 9.31 -33.21 17.49
CA ALA B 278 8.29 -32.47 18.22
C ALA B 278 7.54 -33.39 19.20
N THR B 279 6.95 -32.76 20.20
CA THR B 279 6.12 -33.47 21.16
C THR B 279 5.18 -32.49 21.87
N ALA B 280 4.26 -33.04 22.67
CA ALA B 280 3.47 -32.22 23.58
C ALA B 280 4.03 -32.44 24.99
N VAL B 281 4.24 -31.37 25.73
CA VAL B 281 4.78 -31.43 27.07
C VAL B 281 3.67 -31.03 28.06
N PRO B 282 3.18 -31.97 28.88
CA PRO B 282 2.23 -31.55 29.90
C PRO B 282 2.93 -30.57 30.85
N HIS B 283 2.14 -29.75 31.51
CA HIS B 283 2.72 -28.58 32.16
C HIS B 283 1.88 -28.16 33.37
N ASP B 284 2.59 -27.84 34.45
CA ASP B 284 2.03 -27.29 35.67
C ASP B 284 1.67 -25.81 35.46
N ASP B 285 0.46 -25.56 34.97
CA ASP B 285 -0.04 -24.20 34.76
C ASP B 285 -0.22 -23.49 36.10
N GLU B 286 -0.81 -24.19 37.06
CA GLU B 286 -0.99 -23.70 38.43
C GLU B 286 0.35 -23.19 39.02
N LYS B 287 1.44 -23.91 38.78
CA LYS B 287 2.74 -23.55 39.36
C LYS B 287 3.42 -22.46 38.52
N ASN B 288 3.35 -22.55 37.19
CA ASN B 288 4.22 -21.72 36.29
C ASN B 288 3.43 -20.60 35.60
N GLY B 289 2.11 -20.59 35.69
CA GLY B 289 1.31 -19.75 34.81
C GLY B 289 1.37 -20.24 33.37
N VAL B 290 0.65 -19.56 32.50
CA VAL B 290 0.69 -19.82 31.07
C VAL B 290 1.23 -18.57 30.36
N GLU B 291 2.21 -18.78 29.51
CA GLU B 291 2.78 -17.67 28.73
C GLU B 291 1.89 -17.38 27.52
N PRO B 292 1.40 -16.12 27.40
CA PRO B 292 0.56 -15.65 26.27
C PRO B 292 1.39 -15.27 25.04
N TYR B 293 2.29 -16.16 24.65
CA TYR B 293 3.15 -15.92 23.52
C TYR B 293 3.76 -17.25 23.09
N THR B 294 4.17 -17.28 21.83
CA THR B 294 4.96 -18.32 21.27
C THR B 294 6.42 -18.00 21.63
N SER B 295 7.20 -19.01 22.02
CA SER B 295 8.66 -18.84 22.18
C SER B 295 9.44 -19.49 21.02
N SER B 296 10.50 -18.81 20.59
CA SER B 296 11.56 -19.33 19.73
C SER B 296 12.84 -19.44 20.54
N ILE B 297 13.13 -20.65 20.97
CA ILE B 297 14.27 -20.92 21.84
C ILE B 297 15.44 -21.39 20.98
N ALA B 298 16.50 -20.59 20.93
CA ALA B 298 17.62 -20.89 20.04
C ALA B 298 18.35 -22.17 20.49
N MET B 299 18.74 -22.99 19.52
CA MET B 299 19.52 -24.22 19.77
C MET B 299 20.82 -24.15 18.96
N GLU B 300 21.62 -25.22 19.01
CA GLU B 300 22.93 -25.23 18.38
C GLU B 300 22.84 -25.37 16.87
N ALA B 301 21.84 -26.10 16.39
CA ALA B 301 21.69 -26.35 14.97
C ALA B 301 20.25 -26.02 14.54
N GLY B 302 19.66 -25.04 15.20
CA GLY B 302 18.32 -24.65 14.89
C GLY B 302 17.69 -23.93 16.06
N TRP B 303 16.38 -24.10 16.21
CA TRP B 303 15.63 -23.47 17.29
C TRP B 303 14.50 -24.41 17.69
N THR B 304 13.90 -24.08 18.83
CA THR B 304 12.80 -24.85 19.38
C THR B 304 11.61 -23.94 19.65
N TRP B 305 10.44 -24.33 19.15
CA TRP B 305 9.19 -23.61 19.41
C TRP B 305 8.54 -24.14 20.68
N LYS B 306 7.90 -23.23 21.38
CA LYS B 306 7.11 -23.48 22.56
C LYS B 306 5.76 -22.78 22.38
N ILE B 307 4.70 -23.57 22.31
CA ILE B 307 3.37 -23.05 22.02
C ILE B 307 2.46 -23.51 23.16
N PRO B 308 2.30 -22.66 24.18
CA PRO B 308 1.43 -22.96 25.34
C PRO B 308 -0.07 -23.00 25.02
N MET B 309 -0.73 -24.03 25.54
CA MET B 309 -2.19 -24.12 25.71
C MET B 309 -2.48 -24.60 27.15
N LEU B 310 -3.70 -24.47 27.63
CA LEU B 310 -3.98 -24.91 28.99
C LEU B 310 -3.57 -26.39 29.14
N GLY B 311 -2.70 -26.68 30.12
CA GLY B 311 -2.41 -28.06 30.51
C GLY B 311 -1.20 -28.64 29.80
N ARG B 312 -0.79 -28.04 28.70
CA ARG B 312 0.34 -28.58 27.92
C ARG B 312 0.84 -27.51 26.94
N PHE B 313 2.07 -27.69 26.50
CA PHE B 313 2.61 -26.84 25.47
C PHE B 313 3.08 -27.75 24.32
N GLY B 314 2.73 -27.37 23.10
CA GLY B 314 3.37 -27.97 21.94
C GLY B 314 4.79 -27.46 21.83
N SER B 315 5.73 -28.31 21.43
CA SER B 315 7.12 -27.89 21.24
C SER B 315 7.80 -28.70 20.13
N GLY B 316 8.64 -28.03 19.36
CA GLY B 316 9.40 -28.73 18.37
C GLY B 316 10.77 -28.11 18.18
N HIS B 317 11.77 -28.94 17.93
CA HIS B 317 13.09 -28.46 17.59
C HIS B 317 13.24 -28.53 16.07
N VAL B 318 13.18 -27.36 15.45
CA VAL B 318 13.46 -27.16 14.04
C VAL B 318 14.97 -27.23 13.85
N TYR B 319 15.44 -28.01 12.90
CA TYR B 319 16.89 -28.10 12.75
C TYR B 319 17.26 -28.40 11.29
N SER B 320 18.52 -28.14 11.01
CA SER B 320 19.11 -28.55 9.76
C SER B 320 19.77 -29.92 9.90
N ASP B 321 19.32 -30.87 9.09
CA ASP B 321 19.83 -32.24 9.07
C ASP B 321 21.24 -32.30 8.48
N HIS B 322 21.71 -31.19 7.91
CA HIS B 322 23.10 -31.08 7.49
C HIS B 322 24.03 -30.79 8.67
N PHE B 323 23.52 -30.31 9.81
CA PHE B 323 24.36 -29.88 10.96
C PHE B 323 24.07 -30.68 12.23
N ALA B 324 22.89 -31.29 12.31
CA ALA B 324 22.57 -32.21 13.37
C ALA B 324 22.00 -33.47 12.72
N THR B 325 22.40 -34.63 13.22
CA THR B 325 21.71 -35.87 12.87
C THR B 325 20.36 -35.88 13.62
N GLN B 326 19.38 -36.64 13.12
CA GLN B 326 18.09 -36.73 13.83
C GLN B 326 18.30 -37.13 15.29
N ASP B 327 19.30 -37.96 15.58
CA ASP B 327 19.49 -38.42 16.94
C ASP B 327 20.07 -37.30 17.77
N GLU B 328 20.98 -36.52 17.20
CA GLU B 328 21.55 -35.43 17.96
C GLU B 328 20.44 -34.44 18.35
N ALA B 329 19.57 -34.15 17.38
CA ALA B 329 18.46 -33.22 17.56
C ALA B 329 17.54 -33.73 18.66
N THR B 330 17.26 -35.02 18.61
CA THR B 330 16.33 -35.62 19.57
C THR B 330 16.93 -35.50 20.98
N LEU B 331 18.21 -35.78 21.10
CA LEU B 331 18.88 -35.68 22.40
C LEU B 331 18.87 -34.24 22.92
N ALA B 332 19.24 -33.26 22.08
CA ALA B 332 19.29 -31.86 22.53
C ALA B 332 17.86 -31.33 22.76
N PHE B 333 16.91 -31.78 21.94
CA PHE B 333 15.51 -31.41 22.19
C PHE B 333 15.09 -31.87 23.58
N SER B 334 15.43 -33.13 23.86
CA SER B 334 15.01 -33.77 25.10
C SER B 334 15.73 -33.13 26.29
N LYS B 335 17.02 -32.87 26.14
CA LYS B 335 17.80 -32.23 27.19
C LYS B 335 17.20 -30.87 27.52
N LEU B 336 16.89 -30.06 26.50
CA LEU B 336 16.25 -28.74 26.73
C LEU B 336 15.10 -28.83 27.74
N TRP B 337 14.20 -29.81 27.58
CA TRP B 337 12.98 -29.92 28.41
C TRP B 337 13.14 -30.99 29.50
N GLY B 338 14.30 -31.64 29.57
CA GLY B 338 14.56 -32.61 30.62
C GLY B 338 13.72 -33.86 30.47
N LEU B 339 13.30 -34.15 29.23
CA LEU B 339 12.49 -35.31 28.90
C LEU B 339 13.39 -36.55 28.74
N ASP B 340 12.86 -37.69 29.18
CA ASP B 340 13.46 -39.00 28.96
C ASP B 340 13.37 -39.36 27.47
N PRO B 341 14.52 -39.30 26.71
CA PRO B 341 14.51 -39.54 25.25
C PRO B 341 14.07 -40.97 24.86
N ASP B 342 14.24 -41.95 25.74
CA ASP B 342 13.83 -43.34 25.43
C ASP B 342 12.43 -43.62 26.01
N ASN B 343 11.72 -42.58 26.45
CA ASN B 343 10.42 -42.74 27.15
C ASN B 343 9.46 -41.60 26.77
N THR B 344 9.66 -40.96 25.62
CA THR B 344 8.76 -39.88 25.18
C THR B 344 8.27 -40.18 23.76
N GLU B 345 7.04 -39.80 23.45
CA GLU B 345 6.51 -39.93 22.08
C GLU B 345 7.01 -38.75 21.23
N PHE B 346 7.67 -39.03 20.10
CA PHE B 346 8.14 -37.99 19.15
C PHE B 346 7.49 -38.12 17.77
N ASN B 347 7.26 -36.97 17.13
CA ASN B 347 6.95 -36.88 15.71
C ASN B 347 8.13 -36.22 14.98
N HIS B 348 8.73 -37.00 14.09
CA HIS B 348 9.86 -36.61 13.28
C HIS B 348 9.34 -36.21 11.90
N VAL B 349 9.63 -34.97 11.49
CA VAL B 349 9.08 -34.40 10.24
C VAL B 349 10.21 -33.97 9.32
N ARG B 350 10.08 -34.29 8.04
CA ARG B 350 10.98 -33.79 7.03
C ARG B 350 10.28 -32.67 6.26
N PHE B 351 10.79 -31.44 6.38
CA PHE B 351 10.22 -30.26 5.75
C PHE B 351 10.69 -30.13 4.29
N ARG B 352 9.77 -29.73 3.45
CA ARG B 352 10.07 -29.25 2.13
C ARG B 352 10.06 -27.72 2.14
N VAL B 353 11.22 -27.08 1.97
CA VAL B 353 11.32 -25.61 2.12
C VAL B 353 11.43 -24.93 0.75
N GLY B 354 10.45 -24.09 0.46
CA GLY B 354 10.38 -23.41 -0.82
C GLY B 354 8.95 -23.29 -1.29
N ARG B 355 8.78 -23.12 -2.58
CA ARG B 355 7.50 -22.97 -3.16
C ARG B 355 7.51 -23.52 -4.58
N ASN B 356 6.34 -23.82 -5.09
CA ASN B 356 6.21 -24.24 -6.46
C ASN B 356 6.61 -23.07 -7.38
N ARG B 357 7.07 -23.43 -8.59
CA ARG B 357 7.38 -22.44 -9.60
C ARG B 357 6.13 -21.60 -9.82
N ARG B 358 4.98 -22.27 -9.90
CA ARG B 358 3.70 -21.61 -10.02
C ARG B 358 2.72 -22.32 -9.09
N ALA B 359 1.92 -21.55 -8.32
CA ALA B 359 1.05 -22.15 -7.30
C ALA B 359 -0.19 -22.78 -7.94
N TRP B 360 -0.67 -22.20 -9.04
CA TRP B 360 -1.88 -22.60 -9.73
C TRP B 360 -1.49 -22.92 -11.17
N VAL B 361 -1.72 -24.16 -11.58
CA VAL B 361 -1.38 -24.58 -12.94
C VAL B 361 -2.63 -25.19 -13.56
N ARG B 362 -3.01 -24.69 -14.73
CA ARG B 362 -4.22 -25.19 -15.42
C ARG B 362 -5.39 -25.14 -14.41
N ASN B 363 -6.01 -26.26 -14.08
CA ASN B 363 -7.15 -26.22 -13.20
C ASN B 363 -6.75 -26.83 -11.86
N CYS B 364 -5.48 -26.65 -11.47
CA CYS B 364 -5.06 -27.17 -10.21
C CYS B 364 -4.48 -26.02 -9.37
N VAL B 365 -5.13 -25.76 -8.24
CA VAL B 365 -4.65 -24.72 -7.30
C VAL B 365 -4.04 -25.38 -6.05
N SER B 366 -2.75 -25.13 -5.77
CA SER B 366 -2.17 -25.63 -4.54
C SER B 366 -2.42 -24.67 -3.36
N VAL B 367 -2.66 -25.26 -2.20
CA VAL B 367 -2.92 -24.48 -0.97
C VAL B 367 -2.16 -25.21 0.15
N GLY B 368 -1.52 -24.48 1.05
CA GLY B 368 -0.88 -25.13 2.20
C GLY B 368 0.45 -25.72 1.80
N LEU B 369 0.82 -26.86 2.40
CA LEU B 369 2.17 -27.44 2.24
C LEU B 369 2.40 -27.89 0.78
N ALA B 370 1.32 -28.24 0.09
CA ALA B 370 1.39 -28.60 -1.31
C ALA B 370 1.87 -27.42 -2.16
N SER B 371 1.64 -26.20 -1.67
CA SER B 371 2.02 -24.95 -2.38
C SER B 371 3.44 -24.50 -2.00
N CYS B 372 3.68 -24.36 -0.72
CA CYS B 372 4.90 -23.69 -0.27
C CYS B 372 5.03 -23.81 1.25
N PHE B 373 6.22 -23.58 1.78
CA PHE B 373 6.44 -23.79 3.18
C PHE B 373 7.76 -23.16 3.62
N VAL B 374 7.69 -22.57 4.81
CA VAL B 374 8.83 -22.15 5.60
C VAL B 374 8.66 -22.73 7.00
N GLU B 375 9.79 -22.90 7.72
CA GLU B 375 9.78 -23.21 9.16
C GLU B 375 8.86 -22.22 9.88
N PRO B 376 8.19 -22.65 10.95
CA PRO B 376 7.19 -21.81 11.63
C PRO B 376 7.80 -20.73 12.54
N LEU B 377 8.90 -20.11 12.11
CA LEU B 377 9.64 -19.15 12.97
C LEU B 377 8.81 -17.88 13.22
N GLU B 378 7.93 -17.51 12.30
CA GLU B 378 7.02 -16.39 12.51
C GLU B 378 5.60 -16.77 12.09
N SER B 379 5.18 -17.98 12.43
CA SER B 379 3.77 -18.37 12.39
C SER B 379 3.20 -18.16 10.98
N SER B 380 3.82 -18.77 9.98
CA SER B 380 3.48 -18.55 8.58
C SER B 380 2.33 -19.46 8.14
N GLY B 381 2.22 -20.67 8.72
CA GLY B 381 1.45 -21.80 8.11
C GLY B 381 0.01 -21.44 7.83
N ILE B 382 -0.75 -21.09 8.87
CA ILE B 382 -2.20 -20.86 8.70
C ILE B 382 -2.41 -19.62 7.81
N TYR B 383 -1.54 -18.63 7.98
CA TYR B 383 -1.67 -17.38 7.26
C TYR B 383 -1.51 -17.63 5.77
N PHE B 384 -0.54 -18.46 5.39
CA PHE B 384 -0.31 -18.79 3.97
C PHE B 384 -1.57 -19.46 3.38
N ILE B 385 -2.25 -20.24 4.20
CA ILE B 385 -3.39 -20.93 3.74
C ILE B 385 -4.50 -19.93 3.48
N TYR B 386 -4.77 -19.11 4.50
CA TYR B 386 -5.81 -18.09 4.42
C TYR B 386 -5.57 -17.15 3.23
N ALA B 387 -4.32 -16.79 2.99
CA ALA B 387 -4.03 -15.81 1.94
C ALA B 387 -4.34 -16.38 0.56
N ALA B 388 -4.00 -17.65 0.34
CA ALA B 388 -4.26 -18.34 -0.95
C ALA B 388 -5.77 -18.48 -1.19
N ILE B 389 -6.51 -18.77 -0.13
CA ILE B 389 -7.95 -19.03 -0.23
C ILE B 389 -8.66 -17.71 -0.57
N HIS B 390 -8.26 -16.66 0.15
CA HIS B 390 -8.66 -15.30 -0.15
C HIS B 390 -8.35 -14.97 -1.62
N MET B 391 -7.16 -15.25 -2.09
CA MET B 391 -6.77 -14.88 -3.43
C MET B 391 -7.48 -15.76 -4.47
N LEU B 392 -7.74 -17.03 -4.14
CA LEU B 392 -8.46 -17.91 -5.09
C LEU B 392 -9.90 -17.40 -5.27
N ALA B 393 -10.59 -17.02 -4.18
CA ALA B 393 -11.94 -16.47 -4.31
C ALA B 393 -11.89 -15.16 -5.11
N LYS B 394 -10.90 -14.33 -4.85
CA LYS B 394 -10.77 -13.08 -5.56
C LYS B 394 -10.61 -13.31 -7.07
N HIS B 395 -9.79 -14.29 -7.42
CA HIS B 395 -9.48 -14.63 -8.83
C HIS B 395 -10.25 -15.88 -9.30
N PHE B 396 -11.41 -16.15 -8.71
CA PHE B 396 -12.09 -17.42 -9.02
C PHE B 396 -12.43 -17.46 -10.51
N PRO B 397 -12.09 -18.57 -11.19
CA PRO B 397 -12.27 -18.62 -12.62
C PRO B 397 -13.64 -19.19 -13.05
N ASP B 398 -13.84 -19.20 -14.35
CA ASP B 398 -14.79 -20.09 -14.96
C ASP B 398 -14.00 -21.16 -15.74
N LYS B 399 -14.68 -21.96 -16.56
CA LYS B 399 -14.07 -23.18 -17.16
C LYS B 399 -13.01 -22.82 -18.23
N THR B 400 -13.00 -21.60 -18.74
CA THR B 400 -11.94 -21.17 -19.67
C THR B 400 -10.59 -20.94 -18.93
N PHE B 401 -10.59 -20.88 -17.59
CA PHE B 401 -9.34 -20.68 -16.83
C PHE B 401 -8.49 -19.58 -17.46
N ASP B 402 -9.05 -18.38 -17.57
CA ASP B 402 -8.36 -17.24 -18.12
C ASP B 402 -6.96 -17.19 -17.53
N LYS B 403 -5.99 -17.28 -18.41
CA LYS B 403 -4.60 -17.27 -18.00
C LYS B 403 -4.24 -16.00 -17.21
N VAL B 404 -4.88 -14.87 -17.42
CA VAL B 404 -4.52 -13.66 -16.64
C VAL B 404 -4.88 -13.89 -15.16
N LEU B 405 -6.06 -14.49 -14.89
CA LEU B 405 -6.49 -14.76 -13.53
C LEU B 405 -5.49 -15.68 -12.84
N VAL B 406 -5.09 -16.73 -13.55
CA VAL B 406 -4.13 -17.69 -13.00
C VAL B 406 -2.80 -17.00 -12.67
N ASP B 407 -2.28 -16.19 -13.59
CA ASP B 407 -1.00 -15.50 -13.39
C ASP B 407 -1.08 -14.54 -12.19
N ARG B 408 -2.14 -13.76 -12.07
CA ARG B 408 -2.21 -12.73 -11.01
C ARG B 408 -2.28 -13.44 -9.66
N PHE B 409 -2.95 -14.60 -9.61
CA PHE B 409 -2.98 -15.35 -8.39
C PHE B 409 -1.56 -15.76 -8.03
N ASN B 410 -0.87 -16.27 -9.03
CA ASN B 410 0.45 -16.80 -8.84
C ASN B 410 1.37 -15.69 -8.33
N ARG B 411 1.26 -14.49 -8.90
CA ARG B 411 2.16 -13.40 -8.53
C ARG B 411 1.98 -13.06 -7.06
N GLU B 412 0.73 -13.05 -6.59
CA GLU B 412 0.46 -12.74 -5.20
C GLU B 412 1.13 -13.78 -4.29
N ILE B 413 1.00 -15.05 -4.63
CA ILE B 413 1.47 -16.10 -3.78
C ILE B 413 3.01 -16.05 -3.78
N GLU B 414 3.64 -15.89 -4.92
CA GLU B 414 5.11 -15.89 -4.96
C GLU B 414 5.68 -14.67 -4.21
N GLU B 415 5.07 -13.48 -4.41
CA GLU B 415 5.49 -12.28 -3.64
C GLU B 415 5.29 -12.53 -2.15
N MET B 416 4.16 -13.12 -1.77
CA MET B 416 3.88 -13.40 -0.35
C MET B 416 4.98 -14.31 0.21
N PHE B 417 5.25 -15.39 -0.48
CA PHE B 417 6.17 -16.36 0.03
C PHE B 417 7.58 -15.79 0.12
N ASP B 418 8.08 -15.19 -0.95
CA ASP B 418 9.49 -14.77 -0.97
C ASP B 418 9.72 -13.65 0.06
N ASP B 419 8.72 -12.83 0.30
CA ASP B 419 8.83 -11.74 1.26
C ASP B 419 9.06 -12.31 2.66
N THR B 420 8.21 -13.29 3.02
CA THR B 420 8.34 -13.99 4.29
C THR B 420 9.62 -14.82 4.31
N ARG B 421 9.99 -15.47 3.20
CA ARG B 421 11.22 -16.25 3.19
C ARG B 421 12.39 -15.34 3.60
N ASP B 422 12.44 -14.16 2.99
CA ASP B 422 13.52 -13.18 3.19
C ASP B 422 13.53 -12.71 4.65
N PHE B 423 12.34 -12.41 5.14
CA PHE B 423 12.20 -11.92 6.48
C PHE B 423 12.77 -12.93 7.48
N LEU B 424 12.40 -14.18 7.33
CA LEU B 424 12.94 -15.27 8.14
C LEU B 424 14.47 -15.37 7.99
N GLN B 425 14.97 -15.28 6.76
CA GLN B 425 16.40 -15.43 6.53
C GLN B 425 17.15 -14.40 7.38
N ALA B 426 16.61 -13.19 7.47
CA ALA B 426 17.23 -12.11 8.24
C ALA B 426 17.41 -12.51 9.72
N HIS B 427 16.48 -13.28 10.30
CA HIS B 427 16.64 -13.71 11.68
C HIS B 427 17.97 -14.43 11.88
N TYR B 428 18.41 -15.18 10.85
CA TYR B 428 19.62 -16.00 10.94
C TYR B 428 20.85 -15.16 10.53
N TYR B 429 20.73 -14.49 9.40
CA TYR B 429 21.84 -13.70 8.82
C TYR B 429 22.32 -12.62 9.81
N PHE B 430 21.44 -12.03 10.60
CA PHE B 430 21.87 -10.91 11.47
C PHE B 430 22.00 -11.37 12.93
N SER B 431 21.81 -12.67 13.20
CA SER B 431 22.17 -13.19 14.53
C SER B 431 23.68 -13.07 14.72
N PRO B 432 24.12 -12.55 15.87
CA PRO B 432 25.55 -12.40 16.03
C PRO B 432 26.25 -13.72 16.41
N ARG B 433 25.52 -14.83 16.53
CA ARG B 433 26.11 -16.13 16.93
C ARG B 433 27.09 -16.68 15.88
N VAL B 434 28.24 -17.20 16.35
CA VAL B 434 29.20 -17.87 15.46
C VAL B 434 29.76 -19.13 16.11
N ASP B 435 29.04 -19.69 17.10
CA ASP B 435 29.59 -20.72 18.03
C ASP B 435 29.48 -22.15 17.48
N THR B 436 28.74 -22.39 16.39
CA THR B 436 28.66 -23.74 15.82
C THR B 436 28.67 -23.62 14.30
N PRO B 437 28.96 -24.73 13.60
CA PRO B 437 28.98 -24.56 12.15
C PRO B 437 27.61 -24.10 11.61
N PHE B 438 26.52 -24.46 12.27
CA PHE B 438 25.19 -24.07 11.77
C PHE B 438 25.07 -22.55 11.78
N TRP B 439 25.40 -21.93 12.89
CA TRP B 439 25.21 -20.50 12.99
C TRP B 439 26.16 -19.77 12.04
N ARG B 440 27.38 -20.25 11.87
CA ARG B 440 28.36 -19.61 10.98
C ARG B 440 27.94 -19.81 9.52
N ALA B 441 27.41 -21.00 9.21
CA ALA B 441 26.99 -21.37 7.85
C ALA B 441 25.88 -20.45 7.34
N ASN B 442 24.93 -20.10 8.22
CA ASN B 442 23.86 -19.17 7.81
C ASN B 442 24.49 -17.93 7.15
N LYS B 443 25.62 -17.47 7.67
CA LYS B 443 26.13 -16.19 7.21
C LYS B 443 26.92 -16.31 5.91
N GLU B 444 27.11 -17.54 5.41
CA GLU B 444 27.77 -17.76 4.13
C GLU B 444 26.71 -17.80 3.00
N LEU B 445 25.42 -17.79 3.35
CA LEU B 445 24.34 -17.68 2.36
C LEU B 445 24.20 -16.23 1.87
N LYS B 446 23.55 -16.06 0.73
CA LYS B 446 23.34 -14.72 0.21
C LYS B 446 21.92 -14.28 0.61
N LEU B 447 21.79 -13.00 0.96
CA LEU B 447 20.47 -12.41 1.15
C LEU B 447 19.89 -12.09 -0.22
N ALA B 448 18.59 -12.28 -0.41
CA ALA B 448 17.99 -11.91 -1.70
C ALA B 448 18.05 -10.39 -1.84
N ASP B 449 17.99 -9.93 -3.08
CA ASP B 449 18.12 -8.52 -3.41
C ASP B 449 17.07 -7.68 -2.66
N SER B 450 15.83 -8.16 -2.58
CA SER B 450 14.74 -7.37 -1.98
C SER B 450 15.04 -7.04 -0.50
N ILE B 451 15.48 -8.01 0.27
CA ILE B 451 15.73 -7.78 1.69
C ILE B 451 17.06 -7.03 1.88
N LYS B 452 18.03 -7.25 1.01
CA LYS B 452 19.30 -6.45 1.06
C LYS B 452 18.99 -4.96 0.90
N ASP B 453 18.06 -4.63 0.04
CA ASP B 453 17.63 -3.26 -0.16
C ASP B 453 16.99 -2.69 1.14
N LYS B 454 16.07 -3.45 1.74
CA LYS B 454 15.41 -3.06 3.01
C LYS B 454 16.44 -2.80 4.10
N VAL B 455 17.40 -3.70 4.22
CA VAL B 455 18.41 -3.53 5.26
C VAL B 455 19.15 -2.20 5.03
N GLU B 456 19.44 -1.89 3.76
CA GLU B 456 20.17 -0.67 3.43
C GLU B 456 19.31 0.55 3.84
N THR B 457 18.01 0.48 3.62
CA THR B 457 17.06 1.54 4.00
C THR B 457 17.04 1.70 5.53
N TYR B 458 16.87 0.58 6.22
CA TYR B 458 16.93 0.52 7.67
C TYR B 458 18.26 1.09 8.18
N ARG B 459 19.39 0.72 7.59
CA ARG B 459 20.70 1.21 8.08
C ARG B 459 20.81 2.71 7.92
N ALA B 460 20.12 3.30 6.94
CA ALA B 460 20.21 4.75 6.77
C ALA B 460 19.28 5.48 7.75
N GLY B 461 18.58 4.72 8.60
CA GLY B 461 17.65 5.29 9.58
C GLY B 461 16.26 5.58 9.02
N LEU B 462 16.01 5.22 7.77
CA LEU B 462 14.69 5.41 7.16
C LEU B 462 13.75 4.30 7.66
N PRO B 463 12.46 4.56 7.60
CA PRO B 463 11.55 3.49 7.91
C PRO B 463 11.52 2.46 6.79
N VAL B 464 11.14 1.24 7.12
CA VAL B 464 10.95 0.15 6.13
C VAL B 464 9.47 -0.21 6.16
N ASN B 465 8.80 -0.26 5.01
CA ASN B 465 7.40 -0.65 4.99
C ASN B 465 6.58 0.10 6.04
N LEU B 466 6.61 1.41 5.98
CA LEU B 466 5.91 2.28 6.92
C LEU B 466 4.41 1.98 6.89
N PRO B 467 3.79 1.75 8.05
CA PRO B 467 2.34 1.59 8.04
C PRO B 467 1.64 2.88 7.58
N VAL B 468 0.65 2.76 6.72
CA VAL B 468 -0.08 3.97 6.19
C VAL B 468 -1.53 3.97 6.67
N THR B 469 -1.95 2.92 7.39
CA THR B 469 -3.32 2.84 7.91
C THR B 469 -3.32 2.72 9.45
N ASP B 470 -4.42 3.09 10.08
CA ASP B 470 -4.60 2.82 11.50
C ASP B 470 -4.86 1.31 11.66
N GLU B 471 -4.87 0.86 12.91
CA GLU B 471 -4.99 -0.57 13.21
C GLU B 471 -6.38 -1.08 12.80
N GLY B 472 -7.43 -0.28 13.03
CA GLY B 472 -8.78 -0.70 12.63
C GLY B 472 -8.84 -1.13 11.18
N THR B 473 -8.28 -0.35 10.26
CA THR B 473 -8.31 -0.67 8.83
C THR B 473 -7.37 -1.83 8.49
N TYR B 474 -6.19 -1.85 9.14
CA TYR B 474 -5.13 -2.81 8.84
C TYR B 474 -5.61 -4.22 9.14
N TYR B 475 -6.22 -4.40 10.31
CA TYR B 475 -6.70 -5.73 10.72
C TYR B 475 -8.18 -5.91 10.31
N GLY B 476 -8.76 -4.85 9.76
CA GLY B 476 -10.18 -4.83 9.32
C GLY B 476 -10.34 -5.24 7.86
N ASN B 477 -9.27 -5.08 7.09
CA ASN B 477 -9.31 -5.31 5.65
C ASN B 477 -8.05 -6.10 5.28
N PHE B 478 -8.23 -7.37 4.96
CA PHE B 478 -7.13 -8.25 4.64
C PHE B 478 -6.26 -7.64 3.53
N GLU B 479 -6.87 -6.90 2.61
CA GLU B 479 -6.09 -6.38 1.46
C GLU B 479 -5.10 -5.30 1.94
N ALA B 480 -5.45 -4.56 2.98
CA ALA B 480 -4.54 -3.54 3.48
C ALA B 480 -3.34 -4.24 4.14
N GLU B 481 -3.63 -5.27 4.93
CA GLU B 481 -2.56 -5.97 5.63
C GLU B 481 -1.69 -6.71 4.63
N PHE B 482 -2.31 -7.35 3.66
CA PHE B 482 -1.60 -8.18 2.69
C PHE B 482 -0.61 -7.33 1.89
N ARG B 483 -0.98 -6.06 1.66
CA ARG B 483 -0.12 -5.10 0.95
C ARG B 483 1.08 -4.65 1.80
N ASN B 484 1.03 -4.86 3.12
CA ASN B 484 2.10 -4.40 4.01
C ASN B 484 2.14 -5.31 5.25
N PHE B 485 2.56 -6.55 5.00
CA PHE B 485 2.36 -7.56 5.99
C PHE B 485 3.40 -7.41 7.09
N TRP B 486 4.67 -7.32 6.72
CA TRP B 486 5.74 -7.01 7.66
C TRP B 486 5.99 -5.50 7.64
N THR B 487 5.47 -4.81 8.63
CA THR B 487 5.62 -3.33 8.73
C THR B 487 6.95 -2.97 9.38
N ASN B 488 7.27 -1.68 9.30
CA ASN B 488 8.41 -1.07 9.92
C ASN B 488 8.58 -1.61 11.35
N GLY B 489 7.50 -1.73 12.11
CA GLY B 489 7.61 -2.21 13.48
C GLY B 489 8.22 -3.62 13.55
N SER B 490 7.83 -4.50 12.64
CA SER B 490 8.38 -5.88 12.61
C SER B 490 9.87 -5.90 12.26
N TYR B 491 10.29 -5.04 11.34
CA TYR B 491 11.67 -5.02 10.94
C TYR B 491 12.51 -4.52 12.12
N TYR B 492 11.99 -3.54 12.85
CA TYR B 492 12.68 -3.13 14.05
C TYR B 492 12.71 -4.29 15.08
N CYS B 493 11.59 -4.98 15.28
CA CYS B 493 11.58 -6.03 16.30
C CYS B 493 12.73 -7.02 16.12
N ILE B 494 12.96 -7.48 14.89
CA ILE B 494 13.95 -8.52 14.63
C ILE B 494 15.35 -7.89 14.55
N PHE B 495 15.53 -6.86 13.71
CA PHE B 495 16.85 -6.28 13.53
C PHE B 495 17.40 -5.76 14.87
N ALA B 496 16.65 -4.93 15.59
CA ALA B 496 17.17 -4.31 16.83
C ALA B 496 17.21 -5.35 17.96
N GLY B 497 16.30 -6.31 17.95
CA GLY B 497 16.34 -7.45 18.91
C GLY B 497 17.64 -8.24 18.81
N LEU B 498 18.09 -8.42 17.58
CA LEU B 498 19.30 -9.18 17.27
C LEU B 498 20.55 -8.31 17.41
N GLY B 499 20.39 -7.01 17.46
CA GLY B 499 21.52 -6.13 17.66
C GLY B 499 21.83 -5.30 16.44
N LEU B 500 21.14 -5.54 15.31
CA LEU B 500 21.36 -4.72 14.09
C LEU B 500 20.65 -3.37 14.23
N MET B 501 21.43 -2.29 14.14
CA MET B 501 20.96 -0.93 14.39
C MET B 501 21.19 -0.07 13.15
N PRO B 502 20.40 1.02 13.02
CA PRO B 502 20.76 2.00 12.02
C PRO B 502 22.20 2.49 12.22
N ARG B 503 22.86 2.93 11.17
CA ARG B 503 24.22 3.50 11.23
C ARG B 503 24.19 4.80 12.08
N ASN B 504 23.08 5.51 11.99
CA ASN B 504 22.94 6.76 12.68
C ASN B 504 21.44 7.06 12.83
N PRO B 505 21.09 8.01 13.66
CA PRO B 505 19.65 8.32 13.73
C PRO B 505 19.12 8.84 12.38
N LEU B 506 17.83 8.67 12.14
CA LEU B 506 17.13 9.36 11.05
C LEU B 506 17.56 10.83 11.03
N PRO B 507 18.10 11.30 9.90
CA PRO B 507 18.72 12.61 9.97
C PRO B 507 17.72 13.76 10.21
N ALA B 508 16.46 13.57 9.83
CA ALA B 508 15.47 14.62 9.95
C ALA B 508 15.27 14.98 11.43
N LEU B 509 15.53 14.04 12.35
CA LEU B 509 15.27 14.27 13.76
C LEU B 509 16.16 15.38 14.33
N ALA B 510 17.29 15.69 13.70
CA ALA B 510 18.23 16.65 14.25
C ALA B 510 17.70 18.08 14.10
N TYR B 511 16.68 18.27 13.26
CA TYR B 511 16.03 19.55 12.95
C TYR B 511 14.65 19.67 13.64
N LYS B 512 14.24 18.67 14.43
CA LYS B 512 12.85 18.54 14.90
C LYS B 512 12.79 18.39 16.43
N PRO B 513 13.35 19.38 17.16
CA PRO B 513 13.29 19.29 18.63
C PRO B 513 11.86 19.16 19.18
N GLN B 514 10.87 19.82 18.57
CA GLN B 514 9.46 19.73 19.04
C GLN B 514 8.92 18.30 18.86
N SER B 515 9.33 17.63 17.81
CA SER B 515 8.88 16.26 17.50
C SER B 515 9.47 15.25 18.49
N ILE B 516 10.74 15.42 18.81
CA ILE B 516 11.42 14.56 19.78
C ILE B 516 10.66 14.64 21.10
N ALA B 517 10.18 15.84 21.43
CA ALA B 517 9.45 16.05 22.68
C ALA B 517 8.09 15.36 22.59
N GLU B 518 7.43 15.48 21.47
CA GLU B 518 6.13 14.83 21.27
C GLU B 518 6.32 13.30 21.40
N ALA B 519 7.48 12.77 20.99
CA ALA B 519 7.75 11.33 21.09
C ALA B 519 7.95 10.92 22.55
N GLU B 520 8.50 11.82 23.37
CA GLU B 520 8.65 11.52 24.79
C GLU B 520 7.27 11.26 25.41
N LEU B 521 6.23 11.97 24.97
CA LEU B 521 4.87 11.71 25.46
C LEU B 521 4.43 10.29 25.06
N LEU B 522 4.76 9.87 23.84
CA LEU B 522 4.37 8.54 23.38
C LEU B 522 5.10 7.46 24.18
N PHE B 523 6.37 7.70 24.51
CA PHE B 523 7.11 6.76 25.34
C PHE B 523 6.46 6.67 26.72
N ALA B 524 6.03 7.80 27.25
CA ALA B 524 5.40 7.81 28.58
C ALA B 524 4.06 7.06 28.49
N ASP B 525 3.35 7.20 27.37
CA ASP B 525 2.08 6.48 27.15
C ASP B 525 2.32 4.98 27.19
N VAL B 526 3.40 4.50 26.56
CA VAL B 526 3.73 3.09 26.56
C VAL B 526 3.98 2.61 28.00
N LYS B 527 4.79 3.35 28.76
CA LYS B 527 5.10 2.96 30.15
C LYS B 527 3.83 2.83 30.98
N ARG B 528 2.97 3.85 30.92
CA ARG B 528 1.72 3.94 31.70
C ARG B 528 0.72 2.82 31.35
N LYS B 529 0.40 2.65 30.08
CA LYS B 529 -0.47 1.56 29.65
C LYS B 529 0.08 0.20 30.14
N GLY B 530 1.37 -0.04 29.98
CA GLY B 530 1.99 -1.28 30.46
C GLY B 530 1.86 -1.43 31.98
N ASP B 531 2.07 -0.32 32.70
CA ASP B 531 1.93 -0.32 34.17
C ASP B 531 0.49 -0.63 34.57
N THR B 532 -0.46 0.14 34.06
CA THR B 532 -1.81 -0.03 34.55
C THR B 532 -2.34 -1.42 34.16
N LEU B 533 -2.09 -1.88 32.92
CA LEU B 533 -2.63 -3.18 32.50
C LEU B 533 -1.96 -4.33 33.26
N VAL B 534 -0.69 -4.23 33.62
CA VAL B 534 -0.08 -5.27 34.44
C VAL B 534 -0.82 -5.34 35.78
N GLU B 535 -1.37 -4.24 36.28
CA GLU B 535 -2.13 -4.27 37.53
C GLU B 535 -3.50 -4.93 37.31
N SER B 536 -4.22 -4.49 36.29
CA SER B 536 -5.67 -4.77 36.15
C SER B 536 -5.93 -6.14 35.50
N LEU B 537 -5.02 -6.62 34.65
CA LEU B 537 -5.32 -7.81 33.85
C LEU B 537 -5.30 -9.09 34.71
N PRO B 538 -6.11 -10.11 34.30
CA PRO B 538 -5.96 -11.47 34.83
C PRO B 538 -4.71 -12.17 34.25
N SER B 539 -4.23 -13.19 34.95
CA SER B 539 -3.26 -14.06 34.37
C SER B 539 -3.90 -14.73 33.16
N THR B 540 -3.05 -15.14 32.23
CA THR B 540 -3.49 -15.86 31.08
C THR B 540 -4.07 -17.20 31.56
N TYR B 541 -3.41 -17.78 32.57
CA TYR B 541 -3.93 -18.99 33.21
C TYR B 541 -5.38 -18.77 33.66
N ASP B 542 -5.62 -17.71 34.42
CA ASP B 542 -6.96 -17.48 34.97
C ASP B 542 -7.95 -17.25 33.83
N LEU B 543 -7.57 -16.47 32.82
CA LEU B 543 -8.49 -16.23 31.68
C LEU B 543 -8.84 -17.55 30.98
N LEU B 544 -7.88 -18.45 30.85
CA LEU B 544 -8.12 -19.73 30.15
C LEU B 544 -8.99 -20.69 30.97
N ARG B 545 -8.77 -20.76 32.30
CA ARG B 545 -9.63 -21.55 33.21
C ARG B 545 -11.09 -21.11 33.06
N GLN B 546 -11.32 -19.81 32.97
CA GLN B 546 -12.67 -19.31 32.72
C GLN B 546 -13.15 -19.70 31.31
N LEU B 547 -12.40 -19.34 30.26
CA LEU B 547 -12.84 -19.62 28.87
C LEU B 547 -13.11 -21.12 28.64
N HIS B 548 -12.35 -22.03 29.22
CA HIS B 548 -12.55 -23.46 28.93
C HIS B 548 -13.31 -24.21 30.06
N GLY B 549 -13.76 -23.51 31.10
CA GLY B 549 -14.53 -24.12 32.20
C GLY B 549 -13.83 -25.32 32.84
N ALA B 550 -12.50 -25.27 32.93
CA ALA B 550 -11.71 -26.39 33.49
C ALA B 550 -11.70 -26.32 35.02
N SER B 551 -12.11 -27.41 35.68
CA SER B 551 -12.08 -27.50 37.14
C SER B 551 -10.64 -27.80 37.61
#